data_3F7U
#
_entry.id   3F7U
#
_cell.length_a   64.886
_cell.length_b   123.830
_cell.length_c   152.723
_cell.angle_alpha   90.00
_cell.angle_beta   90.00
_cell.angle_gamma   90.00
#
_symmetry.space_group_name_H-M   'P 21 21 21'
#
loop_
_entity.id
_entity.type
_entity.pdbx_description
1 polymer 'Carbonic anhydrase 4'
2 non-polymer 'ZINC ION'
3 non-polymer N-(3-methoxypropyl)-2-(phenylsulfanyl)-5-sulfamoylpyridine-3-carboxamide
4 water water
#
_entity_poly.entity_id   1
_entity_poly.type   'polypeptide(L)'
_entity_poly.pdbx_seq_one_letter_code
;AESHWCYEVQAESSNYPCLVPVKWGGNCQKDRQSPINIVTTKAKVDKKLGRFFFSGYDKKQTWTVQNNGHSVMMLLENKA
SISGGGLPAPYQAKQLHLHWSDLPYKGSEHSLDGEHFAMEMHIVHEKEKGTSRNVKEAQDPEDEIAVLAFLVEAGTQVNE
GFQPLVEALSNIPKPEMSTTMAESSLLDLLPKEEKLRHYFRYLGSLTTPTCDEKVVWTVFREPIQLHREQILAFSQKLYY
DKEQTVSMKDNVRPLQQLGQRTVIKS
;
_entity_poly.pdbx_strand_id   A,B,C,D
#
loop_
_chem_comp.id
_chem_comp.type
_chem_comp.name
_chem_comp.formula
AG4 non-polymer N-(3-methoxypropyl)-2-(phenylsulfanyl)-5-sulfamoylpyridine-3-carboxamide 'C16 H19 N3 O4 S2'
ZN non-polymer 'ZINC ION' 'Zn 2'
#
# COMPACT_ATOMS: atom_id res chain seq x y z
N TRP A 5 20.81 -26.92 3.71
CA TRP A 5 20.24 -25.95 2.72
C TRP A 5 19.40 -24.90 3.43
N CYS A 6 19.27 -23.74 2.80
CA CYS A 6 18.54 -22.64 3.44
C CYS A 6 18.05 -21.69 2.37
N TYR A 7 17.12 -20.82 2.78
CA TYR A 7 16.78 -19.68 1.97
C TYR A 7 17.73 -18.44 2.15
N GLU A 8 17.79 -17.58 1.12
CA GLU A 8 18.66 -16.41 1.09
C GLU A 8 18.54 -15.67 2.43
N VAL A 9 17.30 -15.50 2.89
CA VAL A 9 17.07 -14.73 4.11
C VAL A 9 17.77 -15.26 5.37
N GLN A 10 17.85 -16.60 5.50
CA GLN A 10 18.49 -17.25 6.63
C GLN A 10 20.00 -17.01 6.61
N ALA A 11 20.59 -16.98 5.42
CA ALA A 11 22.03 -16.67 5.30
C ALA A 11 22.34 -15.30 5.83
N GLU A 12 21.46 -14.31 5.64
CA GLU A 12 21.66 -13.02 6.34
C GLU A 12 21.42 -13.10 7.87
N SER A 13 22.04 -14.11 8.52
CA SER A 13 22.30 -14.15 9.98
C SER A 13 22.96 -15.46 10.47
N CYS A 18 25.38 -21.89 5.78
CA CYS A 18 24.33 -22.73 5.05
C CYS A 18 24.29 -22.54 3.54
N LEU A 19 23.46 -23.34 2.89
CA LEU A 19 23.54 -23.45 1.41
C LEU A 19 22.39 -22.63 0.81
N VAL A 20 22.70 -21.41 0.37
CA VAL A 20 21.69 -20.54 -0.24
C VAL A 20 21.26 -21.10 -1.59
N PRO A 21 20.08 -20.68 -2.09
CA PRO A 21 19.46 -21.30 -3.29
C PRO A 21 20.36 -21.40 -4.54
N VAL A 22 21.16 -20.36 -4.83
CA VAL A 22 22.02 -20.41 -6.00
C VAL A 22 23.11 -21.44 -5.81
N LYS A 23 23.23 -21.94 -4.59
CA LYS A 23 24.23 -22.96 -4.25
C LYS A 23 23.65 -24.29 -3.94
N TRP A 24 22.32 -24.44 -4.00
CA TRP A 24 21.76 -25.79 -3.82
C TRP A 24 22.41 -26.74 -4.87
N GLY A 25 22.45 -27.96 -4.35
CA GLY A 25 22.90 -29.28 -4.73
C GLY A 25 21.84 -30.08 -5.42
N GLY A 26 22.05 -31.41 -5.48
CA GLY A 26 21.06 -32.36 -5.94
C GLY A 26 20.74 -32.08 -7.40
N ASN A 27 19.46 -32.07 -7.76
CA ASN A 27 19.07 -31.65 -9.11
C ASN A 27 18.76 -30.18 -9.26
N CYS A 28 19.17 -29.35 -8.29
CA CYS A 28 18.63 -27.96 -8.29
C CYS A 28 19.25 -27.12 -9.37
N GLN A 29 20.32 -27.62 -9.98
CA GLN A 29 20.95 -26.80 -11.05
C GLN A 29 20.62 -27.31 -12.44
N LYS A 30 19.64 -28.22 -12.52
CA LYS A 30 19.19 -28.70 -13.83
C LYS A 30 18.28 -27.72 -14.63
N ASP A 31 17.64 -28.17 -15.71
CA ASP A 31 17.19 -27.23 -16.74
C ASP A 31 15.68 -27.14 -16.81
N ARG A 32 14.98 -27.91 -15.96
CA ARG A 32 13.52 -27.91 -15.96
C ARG A 32 12.99 -27.67 -14.52
N GLN A 33 13.46 -26.56 -13.94
CA GLN A 33 13.32 -26.26 -12.50
C GLN A 33 12.10 -25.33 -12.29
N SER A 34 11.56 -25.36 -11.07
CA SER A 34 10.47 -24.44 -10.66
C SER A 34 10.96 -23.63 -9.44
N PRO A 35 10.28 -22.53 -9.13
CA PRO A 35 9.10 -21.95 -9.82
C PRO A 35 9.48 -21.08 -11.04
N ILE A 36 8.52 -20.46 -11.72
CA ILE A 36 8.80 -19.63 -12.90
C ILE A 36 7.80 -18.51 -12.92
N ASN A 37 8.08 -17.55 -13.80
CA ASN A 37 7.13 -16.55 -14.18
C ASN A 37 6.27 -17.11 -15.31
N ILE A 38 4.96 -16.90 -15.18
CA ILE A 38 4.01 -17.24 -16.22
C ILE A 38 3.50 -16.02 -16.99
N VAL A 39 3.91 -15.93 -18.24
CA VAL A 39 3.46 -14.86 -19.08
C VAL A 39 2.13 -15.31 -19.61
N THR A 40 1.06 -14.77 -19.06
CA THR A 40 -0.24 -15.34 -19.31
C THR A 40 -0.72 -15.30 -20.78
N THR A 41 -0.48 -14.20 -21.47
CA THR A 41 -0.87 -14.14 -22.89
C THR A 41 -0.07 -15.15 -23.74
N LYS A 42 0.94 -15.79 -23.19
CA LYS A 42 1.80 -16.69 -24.01
C LYS A 42 1.47 -18.14 -23.71
N ALA A 43 0.58 -18.33 -22.73
CA ALA A 43 0.17 -19.68 -22.34
C ALA A 43 -0.98 -20.00 -23.27
N LYS A 44 -0.79 -20.98 -24.14
CA LYS A 44 -1.86 -21.30 -25.11
C LYS A 44 -2.98 -22.04 -24.41
N VAL A 45 -4.21 -21.68 -24.72
CA VAL A 45 -5.33 -22.42 -24.20
C VAL A 45 -5.24 -23.87 -24.71
N ASP A 46 -5.50 -24.86 -23.87
CA ASP A 46 -5.46 -26.26 -24.32
C ASP A 46 -6.73 -27.02 -23.91
N LYS A 47 -7.47 -27.42 -24.93
CA LYS A 47 -8.75 -28.08 -24.82
C LYS A 47 -8.80 -29.33 -23.96
N LYS A 48 -7.68 -30.05 -23.84
CA LYS A 48 -7.67 -31.25 -22.99
C LYS A 48 -7.72 -30.92 -21.52
N LEU A 49 -7.49 -29.67 -21.15
CA LEU A 49 -7.40 -29.38 -19.74
C LEU A 49 -8.73 -29.17 -19.03
N GLY A 50 -9.36 -30.23 -18.53
CA GLY A 50 -10.73 -30.09 -17.94
C GLY A 50 -10.77 -29.64 -16.48
N ARG A 51 -11.97 -29.50 -15.90
CA ARG A 51 -12.04 -29.19 -14.47
C ARG A 51 -11.42 -30.30 -13.61
N PHE A 52 -11.07 -29.98 -12.36
CA PHE A 52 -10.57 -31.00 -11.44
C PHE A 52 -11.73 -31.60 -10.71
N PHE A 53 -11.54 -32.85 -10.26
CA PHE A 53 -12.46 -33.45 -9.34
C PHE A 53 -11.71 -33.59 -8.01
N PHE A 54 -12.27 -33.04 -6.96
CA PHE A 54 -11.69 -33.20 -5.65
C PHE A 54 -12.39 -34.30 -4.86
N SER A 55 -11.64 -35.14 -4.18
CA SER A 55 -12.27 -36.17 -3.35
C SER A 55 -11.72 -35.99 -1.96
N GLY A 56 -12.61 -35.89 -0.97
CA GLY A 56 -12.17 -35.82 0.44
C GLY A 56 -11.78 -34.37 0.83
N TYR A 57 -11.90 -33.46 -0.10
CA TYR A 57 -11.58 -32.06 0.15
C TYR A 57 -12.60 -31.34 1.01
N ASP A 58 -13.87 -31.81 0.99
CA ASP A 58 -14.97 -31.20 1.76
C ASP A 58 -15.04 -31.69 3.21
N LYS A 59 -14.28 -32.73 3.52
CA LYS A 59 -14.43 -33.45 4.79
C LYS A 59 -13.79 -32.68 5.95
N LYS A 60 -14.56 -32.42 7.01
CA LYS A 60 -14.00 -31.84 8.23
C LYS A 60 -13.14 -32.84 9.00
N GLN A 61 -11.87 -32.51 9.23
CA GLN A 61 -10.91 -33.40 9.86
C GLN A 61 -10.18 -32.55 10.88
N THR A 62 -9.57 -33.16 11.89
CA THR A 62 -8.69 -32.37 12.72
C THR A 62 -7.32 -32.70 12.18
N TRP A 63 -6.64 -31.72 11.60
CA TRP A 63 -5.39 -31.98 10.97
C TRP A 63 -4.29 -31.70 11.98
N THR A 64 -3.18 -32.36 11.84
CA THR A 64 -1.93 -31.99 12.51
C THR A 64 -1.09 -31.09 11.61
N VAL A 65 -0.54 -29.99 12.14
CA VAL A 65 0.38 -29.09 11.41
C VAL A 65 1.72 -28.95 12.14
N GLN A 66 2.82 -28.96 11.40
CA GLN A 66 4.15 -28.89 12.02
C GLN A 66 5.00 -27.77 11.44
N ASN A 67 5.91 -27.26 12.26
CA ASN A 67 6.92 -26.30 11.76
C ASN A 67 8.07 -27.23 11.54
N ASN A 68 8.50 -27.34 10.29
CA ASN A 68 9.62 -28.28 9.93
C ASN A 68 10.88 -27.49 9.71
N GLY A 69 10.85 -26.21 10.07
CA GLY A 69 12.06 -25.40 9.90
C GLY A 69 12.10 -24.74 8.51
N HIS A 70 11.24 -25.13 7.58
CA HIS A 70 11.30 -24.46 6.28
C HIS A 70 9.95 -23.82 5.97
N SER A 71 8.94 -24.30 6.67
CA SER A 71 7.59 -23.88 6.38
C SER A 71 6.75 -24.42 7.48
N VAL A 72 5.42 -24.30 7.35
CA VAL A 72 4.48 -25.01 8.25
C VAL A 72 3.73 -25.97 7.33
N MET A 73 3.44 -27.19 7.84
CA MET A 73 3.01 -28.25 6.97
C MET A 73 1.95 -29.10 7.59
N MET A 74 0.86 -29.34 6.86
CA MET A 74 -0.20 -30.25 7.28
C MET A 74 -0.04 -31.62 6.59
N LEU A 75 -0.14 -32.69 7.40
CA LEU A 75 0.00 -34.01 6.94
C LEU A 75 -1.33 -34.51 6.47
N LEU A 76 -1.44 -34.86 5.19
CA LEU A 76 -2.79 -35.17 4.70
C LEU A 76 -3.10 -36.68 4.61
N GLU A 77 -2.06 -37.49 4.72
CA GLU A 77 -2.21 -38.97 4.90
C GLU A 77 -3.17 -39.66 3.97
N ASN A 78 -3.02 -39.43 2.66
CA ASN A 78 -3.93 -40.00 1.70
C ASN A 78 -5.42 -39.72 1.96
N LYS A 79 -5.89 -38.67 2.82
CA LYS A 79 -7.28 -38.57 3.18
C LYS A 79 -8.07 -37.76 2.16
N ALA A 80 -7.41 -37.40 1.05
CA ALA A 80 -8.03 -36.64 -0.01
C ALA A 80 -7.24 -36.94 -1.23
N SER A 81 -7.85 -36.80 -2.39
CA SER A 81 -7.15 -37.06 -3.64
C SER A 81 -7.79 -36.28 -4.78
N ILE A 82 -7.16 -36.26 -5.94
CA ILE A 82 -7.70 -35.47 -7.06
C ILE A 82 -7.66 -36.29 -8.32
N SER A 83 -8.48 -35.92 -9.28
CA SER A 83 -8.43 -36.48 -10.60
C SER A 83 -8.99 -35.44 -11.54
N GLY A 84 -9.00 -35.69 -12.84
CA GLY A 84 -9.38 -34.61 -13.77
C GLY A 84 -8.19 -33.65 -13.90
N GLY A 85 -8.46 -32.43 -14.35
CA GLY A 85 -7.41 -31.43 -14.37
C GLY A 85 -6.36 -31.69 -15.45
N GLY A 86 -6.74 -32.42 -16.48
CA GLY A 86 -5.70 -32.89 -17.39
C GLY A 86 -4.76 -33.96 -16.82
N LEU A 87 -4.98 -34.43 -15.59
CA LEU A 87 -4.05 -35.45 -15.02
C LEU A 87 -4.22 -36.87 -15.63
N PRO A 88 -3.14 -37.63 -15.74
CA PRO A 88 -3.30 -38.89 -16.43
C PRO A 88 -3.93 -39.96 -15.55
N ALA A 89 -3.97 -39.78 -14.24
CA ALA A 89 -4.35 -40.82 -13.29
C ALA A 89 -4.85 -40.04 -12.11
N PRO A 90 -5.39 -40.70 -11.07
CA PRO A 90 -5.67 -40.04 -9.81
C PRO A 90 -4.38 -39.89 -8.96
N TYR A 91 -4.28 -38.81 -8.20
CA TYR A 91 -3.14 -38.55 -7.29
C TYR A 91 -3.65 -38.39 -5.85
N GLN A 92 -3.03 -39.05 -4.92
CA GLN A 92 -3.34 -38.94 -3.51
C GLN A 92 -2.58 -37.84 -2.82
N ALA A 93 -3.31 -37.08 -2.03
CA ALA A 93 -2.81 -35.98 -1.27
C ALA A 93 -1.86 -36.39 -0.11
N LYS A 94 -0.70 -35.76 -0.06
CA LYS A 94 0.27 -36.11 1.00
C LYS A 94 0.49 -35.05 2.08
N GLN A 95 0.61 -33.77 1.65
CA GLN A 95 0.89 -32.72 2.58
C GLN A 95 0.56 -31.39 1.91
N LEU A 96 0.15 -30.43 2.73
CA LEU A 96 -0.06 -29.01 2.30
C LEU A 96 1.00 -28.20 3.01
N HIS A 97 1.63 -27.22 2.36
CA HIS A 97 2.51 -26.28 3.07
C HIS A 97 2.39 -24.92 2.36
N LEU A 98 3.09 -23.91 2.87
CA LEU A 98 3.01 -22.53 2.30
C LEU A 98 4.37 -21.86 2.19
N HIS A 99 4.43 -20.88 1.32
CA HIS A 99 5.59 -20.03 1.15
C HIS A 99 5.05 -18.59 1.31
N TRP A 100 5.73 -17.69 2.01
CA TRP A 100 5.07 -16.36 2.19
C TRP A 100 6.17 -15.29 2.38
N SER A 101 5.75 -14.03 2.49
CA SER A 101 6.65 -12.99 2.91
C SER A 101 5.80 -12.17 3.87
N ASP A 102 6.12 -10.90 3.96
CA ASP A 102 5.43 -9.97 4.87
C ASP A 102 5.10 -8.65 4.14
N LEU A 103 5.05 -8.73 2.80
CA LEU A 103 4.72 -7.58 1.92
C LEU A 103 3.68 -8.06 0.92
N PRO A 104 2.73 -7.18 0.51
CA PRO A 104 1.65 -7.53 -0.47
C PRO A 104 2.22 -7.95 -1.85
N TYR A 105 3.37 -7.40 -2.22
CA TYR A 105 4.00 -7.71 -3.55
C TYR A 105 5.12 -8.80 -3.58
N LYS A 106 5.34 -9.66 -2.56
CA LYS A 106 6.59 -10.46 -2.46
C LYS A 106 6.61 -11.84 -1.80
N GLY A 107 5.59 -12.69 -1.82
CA GLY A 107 5.76 -14.01 -1.21
C GLY A 107 5.38 -15.31 -1.92
N SER A 108 4.86 -15.22 -3.14
CA SER A 108 4.56 -16.45 -3.88
C SER A 108 5.81 -16.97 -4.51
N GLU A 109 5.83 -18.26 -4.88
CA GLU A 109 6.97 -18.77 -5.62
C GLU A 109 6.84 -18.48 -7.15
N HIS A 110 5.67 -18.76 -7.68
CA HIS A 110 5.37 -18.40 -9.06
C HIS A 110 4.93 -16.95 -9.10
N SER A 111 5.04 -16.34 -10.27
CA SER A 111 4.45 -15.01 -10.52
C SER A 111 3.62 -15.07 -11.79
N LEU A 112 2.61 -14.18 -11.88
CA LEU A 112 1.73 -14.11 -13.06
C LEU A 112 1.96 -12.77 -13.79
N ASP A 113 2.49 -12.83 -14.98
CA ASP A 113 2.86 -11.62 -15.74
C ASP A 113 3.69 -10.71 -14.89
N GLY A 114 4.62 -11.30 -14.15
CA GLY A 114 5.51 -10.52 -13.34
C GLY A 114 4.99 -10.15 -11.95
N GLU A 115 3.71 -10.38 -11.63
CA GLU A 115 3.24 -9.98 -10.30
C GLU A 115 3.44 -11.16 -9.30
N HIS A 116 4.05 -10.92 -8.15
CA HIS A 116 4.05 -11.90 -7.10
C HIS A 116 2.84 -11.67 -6.13
N PHE A 117 2.38 -12.74 -5.49
CA PHE A 117 1.34 -12.68 -4.46
C PHE A 117 1.93 -12.74 -3.04
N ALA A 118 1.09 -12.49 -2.01
CA ALA A 118 1.69 -12.39 -0.64
C ALA A 118 2.01 -13.79 -0.13
N MET A 119 1.31 -14.83 -0.65
CA MET A 119 1.74 -16.22 -0.33
C MET A 119 1.46 -17.15 -1.45
N GLU A 120 2.01 -18.38 -1.33
CA GLU A 120 1.55 -19.40 -2.21
C GLU A 120 1.38 -20.73 -1.42
N MET A 121 0.25 -21.40 -1.59
CA MET A 121 -0.07 -22.68 -0.91
C MET A 121 0.17 -23.82 -1.92
N HIS A 122 0.94 -24.83 -1.53
CA HIS A 122 1.18 -26.00 -2.34
C HIS A 122 0.56 -27.21 -1.70
N ILE A 123 -0.33 -27.89 -2.43
CA ILE A 123 -0.88 -29.21 -1.97
C ILE A 123 -0.24 -30.29 -2.82
N VAL A 124 0.61 -31.03 -2.18
CA VAL A 124 1.49 -31.97 -2.85
C VAL A 124 0.80 -33.34 -2.90
N HIS A 125 0.64 -33.85 -4.11
CA HIS A 125 -0.03 -35.15 -4.31
C HIS A 125 0.90 -36.12 -5.06
N GLU A 126 0.62 -37.40 -4.97
CA GLU A 126 1.48 -38.38 -5.63
C GLU A 126 0.67 -39.37 -6.45
N LYS A 127 1.14 -39.70 -7.65
CA LYS A 127 0.45 -40.64 -8.50
C LYS A 127 0.06 -41.91 -7.74
N GLU A 128 -1.20 -42.31 -7.84
CA GLU A 128 -1.56 -43.57 -7.18
C GLU A 128 -0.92 -44.72 -7.97
N LYS A 129 -0.28 -45.66 -7.26
CA LYS A 129 0.43 -46.80 -7.90
C LYS A 129 -0.52 -47.64 -8.68
N PRO A 141 8.06 -40.75 -13.86
CA PRO A 141 9.18 -39.95 -14.42
C PRO A 141 8.87 -38.45 -14.15
N GLU A 142 8.39 -37.77 -15.17
CA GLU A 142 8.22 -36.34 -15.16
C GLU A 142 7.02 -35.88 -14.31
N ASP A 143 6.09 -36.80 -14.02
CA ASP A 143 4.82 -36.42 -13.44
C ASP A 143 4.38 -37.30 -12.29
N GLU A 144 5.32 -37.98 -11.65
CA GLU A 144 5.02 -38.71 -10.43
C GLU A 144 4.32 -37.86 -9.34
N ILE A 145 4.63 -36.56 -9.30
CA ILE A 145 4.07 -35.64 -8.28
C ILE A 145 3.24 -34.51 -8.94
N ALA A 146 2.01 -34.33 -8.45
CA ALA A 146 1.12 -33.27 -8.88
C ALA A 146 1.08 -32.30 -7.73
N VAL A 147 1.53 -31.08 -7.96
CA VAL A 147 1.40 -30.07 -6.92
C VAL A 147 0.34 -29.06 -7.39
N LEU A 148 -0.59 -28.76 -6.51
CA LEU A 148 -1.58 -27.70 -6.78
C LEU A 148 -1.10 -26.44 -6.05
N ALA A 149 -0.93 -25.37 -6.81
CA ALA A 149 -0.39 -24.10 -6.26
C ALA A 149 -1.50 -23.08 -6.23
N PHE A 150 -1.78 -22.52 -5.06
CA PHE A 150 -2.73 -21.42 -4.97
C PHE A 150 -2.03 -20.15 -4.51
N LEU A 151 -2.36 -19.04 -5.19
CA LEU A 151 -1.82 -17.72 -4.89
C LEU A 151 -2.65 -17.05 -3.76
N VAL A 152 -2.00 -16.29 -2.89
CA VAL A 152 -2.75 -15.69 -1.79
C VAL A 152 -2.62 -14.16 -1.84
N GLU A 153 -3.72 -13.42 -1.75
CA GLU A 153 -3.57 -11.93 -1.65
C GLU A 153 -4.38 -11.40 -0.51
N ALA A 154 -4.10 -10.15 -0.09
CA ALA A 154 -4.94 -9.41 0.92
C ALA A 154 -6.42 -9.18 0.59
N GLY A 155 -7.30 -9.38 1.58
CA GLY A 155 -8.71 -8.93 1.51
C GLY A 155 -9.05 -8.27 2.85
N THR A 156 -10.16 -7.54 2.89
CA THR A 156 -10.53 -6.81 4.06
C THR A 156 -11.15 -7.75 5.08
N GLN A 157 -11.72 -8.87 4.59
CA GLN A 157 -12.48 -9.79 5.42
C GLN A 157 -11.54 -10.85 6.05
N VAL A 158 -11.65 -11.15 7.34
CA VAL A 158 -11.01 -12.35 7.90
C VAL A 158 -11.55 -13.59 7.17
N ASN A 159 -10.63 -14.34 6.57
CA ASN A 159 -10.99 -15.60 5.98
C ASN A 159 -11.17 -16.67 7.11
N GLU A 160 -12.43 -16.96 7.42
CA GLU A 160 -12.74 -17.74 8.60
C GLU A 160 -12.29 -19.17 8.31
N GLY A 161 -12.40 -19.56 7.05
CA GLY A 161 -11.95 -20.91 6.64
C GLY A 161 -10.51 -21.20 7.06
N PHE A 162 -9.64 -20.18 6.98
CA PHE A 162 -8.23 -20.23 7.39
C PHE A 162 -7.96 -20.09 8.86
N GLN A 163 -8.93 -19.65 9.64
CA GLN A 163 -8.73 -19.46 11.06
C GLN A 163 -8.13 -20.66 11.86
N PRO A 164 -8.62 -21.89 11.65
CA PRO A 164 -7.93 -22.95 12.41
C PRO A 164 -6.42 -23.08 12.15
N LEU A 165 -5.99 -22.91 10.92
CA LEU A 165 -4.56 -22.96 10.62
C LEU A 165 -3.84 -21.78 11.30
N VAL A 166 -4.35 -20.58 11.08
CA VAL A 166 -3.76 -19.40 11.67
C VAL A 166 -3.72 -19.52 13.19
N GLU A 167 -4.82 -19.96 13.77
CA GLU A 167 -4.80 -20.10 15.22
C GLU A 167 -3.74 -21.11 15.66
N ALA A 168 -3.58 -22.20 14.91
CA ALA A 168 -2.58 -23.21 15.34
C ALA A 168 -1.14 -22.70 15.37
N LEU A 169 -0.81 -21.73 14.49
CA LEU A 169 0.61 -21.27 14.39
C LEU A 169 1.25 -20.85 15.74
N SER A 170 0.48 -20.27 16.65
CA SER A 170 1.10 -19.87 17.92
C SER A 170 1.57 -21.10 18.74
N ASN A 171 1.11 -22.30 18.40
CA ASN A 171 1.56 -23.50 19.17
C ASN A 171 2.79 -24.15 18.57
N ILE A 172 3.14 -23.71 17.35
CA ILE A 172 4.28 -24.28 16.66
C ILE A 172 5.39 -23.29 16.26
N PRO A 173 5.77 -22.40 17.17
CA PRO A 173 6.75 -21.39 16.82
C PRO A 173 8.17 -21.85 16.38
N LYS A 174 8.69 -22.94 16.91
CA LYS A 174 10.04 -23.45 16.57
C LYS A 174 10.02 -24.72 15.66
N PRO A 175 11.09 -24.97 14.96
CA PRO A 175 11.10 -26.24 14.22
C PRO A 175 10.96 -27.50 15.11
N GLU A 176 10.48 -28.61 14.53
CA GLU A 176 10.25 -29.91 15.24
C GLU A 176 9.07 -29.83 16.23
N MET A 177 8.21 -28.82 16.04
CA MET A 177 7.03 -28.71 16.87
C MET A 177 5.82 -28.98 16.05
N SER A 178 4.86 -29.61 16.65
CA SER A 178 3.65 -29.90 15.98
C SER A 178 2.44 -29.64 16.88
N THR A 179 1.27 -29.55 16.28
CA THR A 179 0.06 -29.24 17.03
C THR A 179 -1.17 -29.69 16.30
N THR A 180 -2.30 -29.66 16.96
CA THR A 180 -3.49 -30.19 16.29
C THR A 180 -4.43 -29.02 16.00
N MET A 181 -4.95 -28.91 14.79
CA MET A 181 -5.90 -27.84 14.43
C MET A 181 -7.34 -28.19 14.82
N ALA A 182 -8.15 -27.14 15.07
CA ALA A 182 -9.59 -27.30 15.18
C ALA A 182 -10.16 -27.85 13.87
N GLU A 183 -11.24 -28.61 13.99
CA GLU A 183 -11.99 -29.11 12.80
C GLU A 183 -11.94 -28.18 11.58
N SER A 184 -11.61 -28.73 10.42
CA SER A 184 -11.63 -27.91 9.21
C SER A 184 -11.48 -28.80 7.99
N SER A 185 -11.86 -28.30 6.83
CA SER A 185 -11.72 -29.05 5.55
C SER A 185 -10.66 -28.39 4.64
N LEU A 186 -10.14 -29.12 3.63
CA LEU A 186 -9.18 -28.52 2.66
C LEU A 186 -9.90 -27.44 1.87
N LEU A 187 -11.17 -27.70 1.53
CA LEU A 187 -12.01 -26.68 0.80
C LEU A 187 -12.12 -25.36 1.58
N ASP A 188 -12.17 -25.46 2.90
CA ASP A 188 -12.20 -24.27 3.73
C ASP A 188 -10.99 -23.38 3.39
N LEU A 189 -9.89 -23.96 2.89
CA LEU A 189 -8.68 -23.17 2.67
C LEU A 189 -8.66 -22.59 1.25
N LEU A 190 -9.62 -22.98 0.43
CA LEU A 190 -9.44 -22.75 -0.99
C LEU A 190 -10.48 -21.80 -1.53
N PRO A 191 -10.25 -21.24 -2.73
CA PRO A 191 -11.32 -20.44 -3.39
C PRO A 191 -12.51 -21.34 -3.71
N LYS A 192 -13.70 -20.75 -3.90
CA LYS A 192 -14.85 -21.58 -4.27
C LYS A 192 -14.52 -22.41 -5.49
N GLU A 193 -14.97 -23.64 -5.44
CA GLU A 193 -14.66 -24.62 -6.44
C GLU A 193 -15.04 -24.17 -7.85
N GLU A 194 -16.10 -23.39 -8.02
CA GLU A 194 -16.49 -22.99 -9.39
C GLU A 194 -15.44 -21.99 -9.99
N LYS A 195 -14.69 -21.34 -9.12
CA LYS A 195 -13.63 -20.42 -9.52
C LYS A 195 -12.27 -21.08 -9.82
N LEU A 196 -12.23 -22.41 -9.76
CA LEU A 196 -10.94 -23.10 -9.95
C LEU A 196 -10.87 -23.66 -11.33
N ARG A 197 -11.78 -23.25 -12.23
CA ARG A 197 -11.73 -23.80 -13.60
C ARG A 197 -10.61 -23.29 -14.48
N HIS A 198 -10.14 -22.05 -14.22
CA HIS A 198 -9.02 -21.45 -14.96
C HIS A 198 -7.72 -21.75 -14.24
N TYR A 199 -6.81 -22.45 -14.93
CA TYR A 199 -5.51 -22.73 -14.35
C TYR A 199 -4.42 -22.77 -15.41
N PHE A 200 -3.18 -22.53 -15.01
CA PHE A 200 -2.00 -22.88 -15.78
C PHE A 200 -1.31 -24.18 -15.43
N ARG A 201 -0.68 -24.77 -16.43
CA ARG A 201 -0.04 -26.09 -16.29
C ARG A 201 1.29 -26.12 -17.01
N TYR A 202 2.29 -26.70 -16.35
CA TYR A 202 3.59 -26.98 -16.96
C TYR A 202 4.31 -28.10 -16.16
N LEU A 203 5.37 -28.62 -16.75
CA LEU A 203 6.22 -29.63 -16.15
C LEU A 203 7.40 -28.98 -15.50
N GLY A 204 7.74 -29.41 -14.27
CA GLY A 204 8.86 -28.79 -13.50
C GLY A 204 9.43 -29.61 -12.33
N SER A 205 9.84 -28.92 -11.26
CA SER A 205 10.63 -29.54 -10.20
C SER A 205 9.99 -29.25 -8.89
N LEU A 206 10.44 -29.95 -7.85
CA LEU A 206 10.16 -29.50 -6.50
C LEU A 206 10.96 -28.19 -6.33
N THR A 207 10.49 -27.29 -5.45
CA THR A 207 11.15 -25.97 -5.26
C THR A 207 12.08 -25.97 -4.03
N THR A 208 12.35 -27.15 -3.47
CA THR A 208 13.35 -27.29 -2.35
C THR A 208 14.17 -28.51 -2.66
N PRO A 209 15.43 -28.55 -2.21
CA PRO A 209 16.34 -29.68 -2.53
C PRO A 209 15.66 -31.03 -2.14
N THR A 210 15.78 -32.05 -2.99
CA THR A 210 16.79 -32.13 -4.04
C THR A 210 16.26 -31.60 -5.39
N CYS A 211 15.10 -30.95 -5.38
CA CYS A 211 14.61 -30.23 -6.55
C CYS A 211 14.41 -31.19 -7.70
N ASP A 212 13.87 -32.36 -7.41
CA ASP A 212 13.66 -33.39 -8.43
C ASP A 212 12.70 -32.99 -9.55
N GLU A 213 13.09 -33.27 -10.80
CA GLU A 213 12.26 -32.81 -11.87
C GLU A 213 11.18 -33.85 -12.15
N LYS A 214 10.21 -33.89 -11.25
CA LYS A 214 9.15 -34.88 -11.29
C LYS A 214 7.75 -34.38 -11.06
N VAL A 215 7.56 -33.08 -11.20
CA VAL A 215 6.25 -32.49 -10.85
C VAL A 215 5.49 -31.99 -12.07
N VAL A 216 4.22 -32.38 -12.19
CA VAL A 216 3.28 -31.68 -13.01
C VAL A 216 2.64 -30.62 -12.11
N TRP A 217 2.88 -29.36 -12.50
CA TRP A 217 2.52 -28.13 -11.71
C TRP A 217 1.16 -27.70 -12.21
N THR A 218 0.31 -27.23 -11.29
CA THR A 218 -0.86 -26.54 -11.68
C THR A 218 -0.82 -25.25 -10.90
N VAL A 219 -1.01 -24.11 -11.57
CA VAL A 219 -1.20 -22.89 -10.77
C VAL A 219 -2.53 -22.28 -11.00
N PHE A 220 -3.33 -22.13 -9.95
CA PHE A 220 -4.67 -21.63 -10.17
C PHE A 220 -4.69 -20.08 -10.40
N ARG A 221 -5.41 -19.62 -11.41
CA ARG A 221 -5.56 -18.20 -11.65
C ARG A 221 -6.26 -17.48 -10.49
N GLU A 222 -7.26 -18.09 -9.82
CA GLU A 222 -8.03 -17.34 -8.77
C GLU A 222 -7.35 -17.43 -7.42
N PRO A 223 -7.04 -16.28 -6.81
CA PRO A 223 -6.23 -16.29 -5.60
C PRO A 223 -7.13 -16.49 -4.44
N ILE A 224 -6.57 -16.97 -3.35
CA ILE A 224 -7.23 -16.99 -2.07
C ILE A 224 -7.09 -15.59 -1.47
N GLN A 225 -8.10 -15.11 -0.77
CA GLN A 225 -8.04 -13.85 -0.06
C GLN A 225 -8.03 -14.06 1.42
N LEU A 226 -7.04 -13.44 2.05
CA LEU A 226 -6.85 -13.47 3.49
C LEU A 226 -6.77 -12.06 4.03
N HIS A 227 -7.21 -11.88 5.28
CA HIS A 227 -6.89 -10.65 5.96
C HIS A 227 -5.39 -10.43 6.01
N ARG A 228 -4.95 -9.20 5.74
CA ARG A 228 -3.52 -8.88 5.89
C ARG A 228 -2.94 -9.39 7.20
N GLU A 229 -3.68 -9.34 8.28
CA GLU A 229 -3.08 -9.78 9.53
C GLU A 229 -3.05 -11.31 9.71
N GLN A 230 -3.94 -12.03 9.01
CA GLN A 230 -3.83 -13.49 8.86
C GLN A 230 -2.53 -13.82 8.11
N ILE A 231 -2.23 -13.10 7.04
CA ILE A 231 -0.97 -13.30 6.35
C ILE A 231 0.26 -12.98 7.29
N LEU A 232 0.22 -11.81 7.92
CA LEU A 232 1.31 -11.38 8.76
C LEU A 232 1.50 -12.31 9.95
N ALA A 233 0.46 -13.06 10.28
CA ALA A 233 0.55 -13.91 11.47
C ALA A 233 1.56 -15.02 11.27
N PHE A 234 1.85 -15.37 10.02
CA PHE A 234 2.87 -16.43 9.73
C PHE A 234 4.28 -15.94 10.08
N SER A 235 4.58 -14.73 9.62
CA SER A 235 5.87 -14.12 10.02
C SER A 235 6.00 -13.66 11.49
N GLN A 236 4.90 -13.26 12.14
CA GLN A 236 4.92 -12.80 13.51
C GLN A 236 5.06 -13.99 14.48
N LYS A 237 4.46 -15.13 14.14
CA LYS A 237 4.44 -16.26 15.09
C LYS A 237 5.54 -17.34 14.90
N LEU A 238 6.12 -17.42 13.71
CA LEU A 238 6.93 -18.59 13.35
C LEU A 238 8.39 -18.22 13.26
N TYR A 239 9.29 -19.18 13.51
CA TYR A 239 10.71 -18.87 13.43
C TYR A 239 11.33 -20.04 12.71
N TYR A 240 12.40 -19.80 11.99
CA TYR A 240 13.07 -20.85 11.29
C TYR A 240 13.92 -21.74 12.27
N ASP A 241 14.28 -21.22 13.45
CA ASP A 241 15.29 -21.83 14.31
C ASP A 241 14.85 -21.91 15.73
N LYS A 242 15.32 -22.94 16.41
CA LYS A 242 15.02 -23.18 17.80
C LYS A 242 15.23 -21.93 18.65
N GLU A 243 16.31 -21.19 18.64
CA GLU A 243 16.83 -19.96 19.21
C GLU A 243 15.94 -18.75 18.85
N GLN A 244 14.99 -18.97 17.92
CA GLN A 244 14.02 -17.90 17.53
C GLN A 244 14.71 -16.59 17.25
N THR A 245 15.76 -16.65 16.45
CA THR A 245 16.44 -15.47 16.03
C THR A 245 16.04 -15.03 14.62
N VAL A 246 15.44 -15.90 13.82
CA VAL A 246 15.04 -15.45 12.50
C VAL A 246 13.58 -15.81 12.22
N SER A 247 12.76 -14.79 12.09
CA SER A 247 11.37 -15.00 11.86
C SER A 247 11.24 -15.74 10.54
N MET A 248 10.32 -16.68 10.47
CA MET A 248 10.08 -17.40 9.26
C MET A 248 9.28 -16.59 8.23
N LYS A 249 9.97 -16.24 7.16
CA LYS A 249 9.38 -15.49 6.07
C LYS A 249 10.37 -15.54 4.95
N ASP A 250 9.91 -15.22 3.74
CA ASP A 250 10.74 -15.30 2.54
C ASP A 250 11.33 -16.70 2.35
N ASN A 251 10.53 -17.71 2.68
CA ASN A 251 10.96 -19.07 2.44
C ASN A 251 10.58 -19.35 0.98
N VAL A 252 11.19 -18.58 0.08
CA VAL A 252 10.81 -18.62 -1.33
C VAL A 252 12.02 -18.86 -2.21
N ARG A 253 11.94 -19.89 -3.06
CA ARG A 253 12.98 -20.09 -4.07
C ARG A 253 12.97 -19.01 -5.19
N PRO A 254 14.12 -18.45 -5.51
CA PRO A 254 14.12 -17.49 -6.67
C PRO A 254 13.62 -18.12 -7.98
N LEU A 255 13.14 -17.28 -8.90
CA LEU A 255 12.61 -17.72 -10.21
C LEU A 255 13.63 -18.47 -11.06
N GLN A 256 13.16 -19.48 -11.78
CA GLN A 256 14.04 -20.32 -12.62
C GLN A 256 13.66 -20.02 -14.05
N GLN A 257 14.49 -20.31 -15.04
CA GLN A 257 14.02 -20.05 -16.41
C GLN A 257 13.11 -21.14 -17.02
N LEU A 258 12.13 -20.72 -17.81
CA LEU A 258 11.27 -21.64 -18.56
C LEU A 258 12.10 -22.58 -19.43
N GLY A 259 13.11 -22.02 -20.11
CA GLY A 259 13.92 -22.85 -21.04
C GLY A 259 13.10 -23.48 -22.18
N GLN A 260 13.27 -24.77 -22.46
CA GLN A 260 12.66 -25.28 -23.69
C GLN A 260 11.12 -25.51 -23.56
N ARG A 261 10.66 -25.43 -22.31
CA ARG A 261 9.27 -25.75 -21.94
C ARG A 261 8.22 -24.72 -22.38
N THR A 262 6.96 -25.14 -22.40
CA THR A 262 5.92 -24.23 -22.69
C THR A 262 4.95 -24.31 -21.51
N VAL A 263 4.19 -23.26 -21.30
CA VAL A 263 3.09 -23.31 -20.32
C VAL A 263 1.76 -23.35 -21.07
N ILE A 264 0.82 -24.16 -20.61
CA ILE A 264 -0.52 -24.08 -21.16
C ILE A 264 -1.55 -23.73 -20.10
N LYS A 265 -2.75 -23.43 -20.57
CA LYS A 265 -3.82 -23.04 -19.65
C LYS A 265 -5.14 -23.68 -20.06
N SER A 266 -6.01 -23.89 -19.09
CA SER A 266 -7.33 -24.44 -19.39
C SER A 266 -8.23 -23.38 -20.02
N TRP B 5 -3.25 -2.66 33.86
CA TRP B 5 -3.59 -1.83 32.61
C TRP B 5 -2.97 -2.46 31.38
N CYS B 6 -3.74 -2.43 30.31
CA CYS B 6 -3.33 -3.07 29.10
C CYS B 6 -3.93 -2.35 27.89
N TYR B 7 -3.46 -2.67 26.69
CA TYR B 7 -4.08 -2.12 25.48
C TYR B 7 -5.19 -3.06 25.08
N GLU B 8 -6.12 -2.57 24.26
CA GLU B 8 -7.27 -3.36 23.83
C GLU B 8 -6.88 -4.73 23.25
N VAL B 9 -5.80 -4.74 22.45
CA VAL B 9 -5.36 -5.97 21.82
C VAL B 9 -4.92 -7.06 22.84
N GLN B 10 -4.36 -6.64 23.97
CA GLN B 10 -4.00 -7.56 25.06
C GLN B 10 -5.21 -8.14 25.73
N ALA B 11 -6.31 -7.39 25.83
CA ALA B 11 -7.53 -7.92 26.42
C ALA B 11 -8.09 -8.97 25.48
N GLU B 12 -8.15 -8.64 24.18
CA GLU B 12 -8.63 -9.60 23.18
C GLU B 12 -7.77 -10.89 23.19
N SER B 13 -7.07 -11.10 24.32
CA SER B 13 -6.59 -12.46 24.74
C SER B 13 -6.57 -12.62 26.29
N CYS B 18 -7.35 -7.97 32.59
CA CYS B 18 -6.68 -6.60 32.59
C CYS B 18 -7.63 -5.46 32.18
N LEU B 19 -7.15 -4.24 32.42
CA LEU B 19 -7.91 -3.00 32.29
C LEU B 19 -7.67 -2.26 30.93
N VAL B 20 -8.62 -2.32 30.00
CA VAL B 20 -8.45 -1.69 28.69
C VAL B 20 -8.50 -0.12 28.76
N PRO B 21 -8.17 0.57 27.65
CA PRO B 21 -7.98 1.99 27.79
C PRO B 21 -9.20 2.77 28.28
N VAL B 22 -10.42 2.36 27.89
CA VAL B 22 -11.56 3.15 28.33
C VAL B 22 -11.83 2.93 29.78
N LYS B 23 -11.16 1.93 30.37
CA LYS B 23 -11.35 1.67 31.82
C LYS B 23 -10.12 2.05 32.60
N TRP B 24 -9.08 2.59 31.98
CA TRP B 24 -7.91 3.03 32.75
C TRP B 24 -8.37 3.90 33.92
N GLY B 25 -7.35 3.80 35.13
CA GLY B 25 -7.86 4.84 36.05
C GLY B 25 -6.95 6.07 36.24
N GLY B 26 -6.53 6.33 37.48
CA GLY B 26 -5.97 7.66 37.83
C GLY B 26 -6.53 8.88 37.08
N ASN B 27 -5.69 9.50 36.29
CA ASN B 27 -6.02 10.73 35.60
C ASN B 27 -6.59 10.50 34.20
N CYS B 28 -6.71 9.22 33.85
CA CYS B 28 -6.98 8.85 32.46
C CYS B 28 -8.37 9.19 31.96
N GLN B 29 -9.30 9.61 32.84
CA GLN B 29 -10.69 9.96 32.38
C GLN B 29 -11.01 11.43 32.50
N LYS B 30 -9.96 12.23 32.67
CA LYS B 30 -10.08 13.68 32.70
C LYS B 30 -10.16 14.34 31.30
N ASP B 31 -9.99 15.68 31.20
CA ASP B 31 -10.39 16.38 29.97
C ASP B 31 -9.32 17.07 29.17
N ARG B 32 -8.06 16.89 29.54
CA ARG B 32 -6.97 17.50 28.77
C ARG B 32 -6.01 16.36 28.34
N GLN B 33 -6.60 15.27 27.86
CA GLN B 33 -5.97 14.01 27.59
C GLN B 33 -5.38 13.96 26.17
N SER B 34 -4.34 13.14 26.00
CA SER B 34 -3.68 12.89 24.71
C SER B 34 -3.79 11.38 24.38
N PRO B 35 -3.73 10.99 23.08
CA PRO B 35 -3.43 11.83 21.94
C PRO B 35 -4.71 12.42 21.33
N ILE B 36 -4.60 13.20 20.27
CA ILE B 36 -5.78 13.86 19.68
C ILE B 36 -5.54 13.87 18.23
N ASN B 37 -6.57 14.22 17.46
CA ASN B 37 -6.41 14.52 16.07
C ASN B 37 -6.03 15.99 15.88
N ILE B 38 -5.14 16.31 14.97
CA ILE B 38 -4.83 17.73 14.73
C ILE B 38 -5.31 18.18 13.34
N VAL B 39 -6.27 19.08 13.30
CA VAL B 39 -6.70 19.74 12.11
C VAL B 39 -5.68 20.79 11.70
N THR B 40 -4.86 20.44 10.74
CA THR B 40 -3.68 21.24 10.44
C THR B 40 -4.00 22.69 10.00
N THR B 41 -5.07 22.85 9.21
CA THR B 41 -5.44 24.14 8.69
C THR B 41 -6.12 24.94 9.78
N LYS B 42 -6.56 24.31 10.89
CA LYS B 42 -7.14 25.11 11.96
C LYS B 42 -6.18 25.52 13.08
N ALA B 43 -4.98 24.98 13.06
CA ALA B 43 -3.99 25.38 14.04
C ALA B 43 -3.44 26.73 13.58
N LYS B 44 -3.55 27.78 14.38
CA LYS B 44 -2.94 29.06 13.94
C LYS B 44 -1.41 29.08 14.08
N VAL B 45 -0.73 29.72 13.13
CA VAL B 45 0.70 29.95 13.23
C VAL B 45 0.96 30.89 14.44
N ASP B 46 1.89 30.53 15.30
CA ASP B 46 2.30 31.39 16.39
C ASP B 46 3.83 31.66 16.21
N LYS B 47 4.18 32.90 15.90
CA LYS B 47 5.54 33.27 15.50
C LYS B 47 6.54 33.06 16.62
N LYS B 48 6.05 32.96 17.85
CA LYS B 48 6.96 32.72 18.94
C LYS B 48 7.45 31.22 19.01
N LEU B 49 6.90 30.34 18.17
CA LEU B 49 7.37 28.92 18.10
C LEU B 49 8.57 28.88 17.17
N GLY B 50 9.78 29.13 17.67
CA GLY B 50 10.90 29.16 16.77
C GLY B 50 11.52 27.77 16.67
N ARG B 51 12.73 27.72 16.13
CA ARG B 51 13.34 26.42 15.94
C ARG B 51 13.81 25.78 17.22
N PHE B 52 13.95 24.45 17.18
CA PHE B 52 14.40 23.71 18.33
C PHE B 52 15.93 23.68 18.22
N PHE B 53 16.63 23.72 19.36
CA PHE B 53 18.03 23.49 19.36
C PHE B 53 18.25 22.14 20.06
N PHE B 54 19.06 21.31 19.47
CA PHE B 54 19.29 20.01 20.01
C PHE B 54 20.69 19.91 20.53
N SER B 55 20.88 19.14 21.60
CA SER B 55 22.15 18.98 22.19
C SER B 55 22.31 17.48 22.56
N GLY B 56 23.42 16.85 22.18
CA GLY B 56 23.62 15.40 22.32
C GLY B 56 22.83 14.50 21.34
N TYR B 57 22.13 15.09 20.36
CA TYR B 57 21.39 14.32 19.39
C TYR B 57 22.35 13.83 18.30
N ASP B 58 23.40 14.65 18.11
CA ASP B 58 24.60 14.59 17.25
C ASP B 58 25.49 13.36 17.56
N LYS B 59 25.75 13.15 18.84
CA LYS B 59 26.83 12.30 19.31
C LYS B 59 26.48 10.79 19.17
N LYS B 60 27.41 9.99 18.65
CA LYS B 60 27.28 8.56 18.64
C LYS B 60 27.35 7.93 20.09
N GLN B 61 26.36 7.12 20.42
CA GLN B 61 26.32 6.42 21.74
C GLN B 61 26.03 4.99 21.45
N THR B 62 26.41 4.11 22.36
CA THR B 62 25.86 2.75 22.38
C THR B 62 24.74 2.72 23.46
N TRP B 63 23.49 2.95 23.04
CA TRP B 63 22.36 3.15 23.94
C TRP B 63 21.85 1.83 24.44
N THR B 64 21.28 1.81 25.65
CA THR B 64 20.52 0.66 26.12
C THR B 64 19.08 0.78 25.69
N VAL B 65 18.56 -0.33 25.14
CA VAL B 65 17.14 -0.45 24.79
C VAL B 65 16.50 -1.69 25.46
N GLN B 66 15.30 -1.48 26.00
CA GLN B 66 14.60 -2.53 26.79
C GLN B 66 13.16 -2.71 26.33
N ASN B 67 12.66 -3.92 26.53
CA ASN B 67 11.24 -4.26 26.35
C ASN B 67 10.60 -4.18 27.73
N ASN B 68 9.64 -3.28 27.90
CA ASN B 68 9.08 -3.07 29.23
C ASN B 68 7.71 -3.63 29.33
N GLY B 69 7.30 -4.41 28.33
CA GLY B 69 6.00 -5.08 28.38
C GLY B 69 4.90 -4.22 27.79
N HIS B 70 5.28 -3.00 27.36
CA HIS B 70 4.30 -2.10 26.72
C HIS B 70 4.80 -1.50 25.38
N SER B 71 6.14 -1.50 25.20
CA SER B 71 6.84 -0.80 24.16
C SER B 71 8.28 -1.28 24.17
N VAL B 72 9.11 -0.70 23.30
CA VAL B 72 10.55 -0.86 23.43
C VAL B 72 11.09 0.54 23.69
N MET B 73 12.05 0.70 24.57
CA MET B 73 12.39 2.04 25.07
C MET B 73 13.87 2.16 25.25
N MET B 74 14.45 3.23 24.70
CA MET B 74 15.86 3.55 24.88
C MET B 74 16.01 4.44 26.10
N LEU B 75 16.92 4.11 27.01
CA LEU B 75 17.12 4.93 28.20
C LEU B 75 18.11 6.03 27.81
N LEU B 76 17.77 7.31 28.05
CA LEU B 76 18.61 8.40 27.51
C LEU B 76 19.44 9.09 28.63
N GLU B 77 18.97 9.03 29.87
CA GLU B 77 19.81 9.32 31.00
C GLU B 77 20.39 10.72 30.99
N ASN B 78 19.57 11.69 30.56
CA ASN B 78 19.98 13.08 30.51
C ASN B 78 21.19 13.24 29.67
N LYS B 79 21.63 12.39 28.61
CA LYS B 79 22.75 12.51 27.69
C LYS B 79 22.43 13.40 26.53
N ALA B 80 21.20 13.93 26.52
CA ALA B 80 20.86 14.90 25.49
C ALA B 80 19.76 15.77 26.03
N SER B 81 19.49 16.85 25.31
CA SER B 81 18.51 17.86 25.84
C SER B 81 18.12 18.82 24.69
N ILE B 82 17.10 19.63 24.92
CA ILE B 82 16.59 20.46 23.89
C ILE B 82 16.23 21.80 24.49
N SER B 83 16.31 22.85 23.65
CA SER B 83 15.81 24.17 23.99
C SER B 83 15.28 24.80 22.72
N GLY B 84 14.84 26.06 22.77
CA GLY B 84 14.14 26.62 21.61
C GLY B 84 12.72 26.07 21.64
N GLY B 85 12.10 25.98 20.48
CA GLY B 85 10.80 25.31 20.34
C GLY B 85 9.64 25.97 21.02
N GLY B 86 9.75 27.28 21.28
CA GLY B 86 8.82 27.97 22.14
C GLY B 86 8.77 27.50 23.59
N LEU B 87 9.76 26.75 24.02
CA LEU B 87 9.78 26.17 25.39
C LEU B 87 10.41 27.14 26.38
N PRO B 88 9.92 27.13 27.63
CA PRO B 88 10.36 28.14 28.62
C PRO B 88 11.67 27.86 29.35
N ALA B 89 12.23 26.67 29.11
CA ALA B 89 13.51 26.29 29.71
C ALA B 89 14.06 25.21 28.83
N PRO B 90 15.34 24.87 28.99
CA PRO B 90 15.76 23.63 28.39
C PRO B 90 15.11 22.40 29.06
N TYR B 91 15.06 21.30 28.30
CA TYR B 91 14.55 20.01 28.80
C TYR B 91 15.56 18.88 28.55
N GLN B 92 15.74 18.00 29.55
CA GLN B 92 16.64 16.86 29.41
C GLN B 92 15.91 15.61 28.96
N ALA B 93 16.53 14.84 28.06
CA ALA B 93 15.89 13.69 27.47
C ALA B 93 15.99 12.54 28.46
N LYS B 94 14.86 11.91 28.74
CA LYS B 94 14.86 10.76 29.66
C LYS B 94 14.88 9.48 28.88
N GLN B 95 13.97 9.36 27.88
CA GLN B 95 13.80 8.10 27.18
C GLN B 95 13.06 8.32 25.84
N LEU B 96 13.20 7.35 24.93
CA LEU B 96 12.55 7.40 23.59
C LEU B 96 11.80 6.05 23.48
N HIS B 97 10.56 6.00 23.01
CA HIS B 97 9.91 4.69 22.85
C HIS B 97 8.99 4.90 21.68
N LEU B 98 8.20 3.87 21.34
CA LEU B 98 7.36 3.93 20.15
C LEU B 98 6.07 3.22 20.37
N HIS B 99 5.13 3.61 19.53
CA HIS B 99 3.83 2.98 19.41
C HIS B 99 3.68 2.62 17.90
N TRP B 100 2.98 1.49 17.59
CA TRP B 100 2.95 0.96 16.22
C TRP B 100 1.89 -0.12 16.07
N SER B 101 1.63 -0.49 14.81
CA SER B 101 0.71 -1.60 14.47
C SER B 101 1.46 -2.45 13.48
N ASP B 102 0.75 -3.14 12.56
CA ASP B 102 1.40 -3.94 11.55
C ASP B 102 0.77 -3.67 10.18
N LEU B 103 0.08 -2.51 10.07
CA LEU B 103 -0.58 -2.14 8.83
C LEU B 103 -0.28 -0.67 8.60
N PRO B 104 -0.02 -0.27 7.36
CA PRO B 104 0.59 1.04 7.27
C PRO B 104 -0.35 2.23 7.54
N TYR B 105 -1.63 2.05 7.59
CA TYR B 105 -2.49 3.18 7.84
C TYR B 105 -2.90 3.29 9.31
N LYS B 106 -2.25 2.56 10.23
CA LYS B 106 -2.55 2.65 11.65
C LYS B 106 -1.45 2.54 12.75
N GLY B 107 -0.19 2.29 12.59
CA GLY B 107 0.40 2.47 14.09
C GLY B 107 0.51 3.74 15.03
N SER B 108 0.11 4.95 14.62
CA SER B 108 0.40 6.17 15.46
C SER B 108 -0.70 6.53 16.52
N GLU B 109 -0.34 7.36 17.49
CA GLU B 109 -1.29 7.81 18.52
C GLU B 109 -2.05 9.09 18.07
N HIS B 110 -1.32 10.10 17.65
CA HIS B 110 -1.93 11.32 17.11
C HIS B 110 -2.26 11.02 15.67
N SER B 111 -3.22 11.76 15.10
CA SER B 111 -3.53 11.72 13.65
C SER B 111 -3.43 13.14 13.12
N LEU B 112 -2.99 13.32 11.89
CA LEU B 112 -3.00 14.63 11.33
C LEU B 112 -4.08 14.69 10.29
N ASP B 113 -4.99 15.63 10.40
CA ASP B 113 -6.15 15.63 9.43
C ASP B 113 -6.85 14.28 9.28
N GLY B 114 -7.00 13.57 10.41
CA GLY B 114 -7.54 12.21 10.34
C GLY B 114 -6.68 11.13 9.71
N GLU B 115 -5.49 11.47 9.23
CA GLU B 115 -4.56 10.40 8.83
C GLU B 115 -3.76 9.85 10.00
N HIS B 116 -3.85 8.54 10.24
CA HIS B 116 -2.93 7.88 11.15
C HIS B 116 -1.70 7.41 10.37
N PHE B 117 -0.61 7.21 11.09
CA PHE B 117 0.63 6.75 10.49
C PHE B 117 1.00 5.37 11.02
N ALA B 118 2.14 4.86 10.57
CA ALA B 118 2.44 3.47 10.89
C ALA B 118 3.13 3.28 12.22
N MET B 119 3.79 4.32 12.71
CA MET B 119 4.28 4.30 14.10
C MET B 119 4.23 5.71 14.56
N GLU B 120 4.51 5.91 15.85
CA GLU B 120 4.82 7.22 16.32
C GLU B 120 5.90 7.01 17.32
N MET B 121 6.90 7.88 17.25
CA MET B 121 8.03 7.88 18.19
C MET B 121 7.82 9.03 19.18
N HIS B 122 8.05 8.76 20.48
CA HIS B 122 8.00 9.74 21.57
C HIS B 122 9.37 9.88 22.22
N ILE B 123 9.94 11.09 22.13
CA ILE B 123 11.13 11.40 22.90
C ILE B 123 10.70 12.19 24.14
N VAL B 124 10.87 11.58 25.31
CA VAL B 124 10.32 12.16 26.58
C VAL B 124 11.40 12.95 27.34
N HIS B 125 11.17 14.22 27.54
CA HIS B 125 12.13 15.08 28.20
C HIS B 125 11.46 15.67 29.46
N GLU B 126 12.25 16.14 30.41
CA GLU B 126 11.62 16.79 31.56
C GLU B 126 12.32 18.13 31.82
N LYS B 127 11.58 19.16 32.21
CA LYS B 127 12.10 20.56 32.29
C LYS B 127 13.29 20.60 33.23
N GLU B 128 14.39 21.22 32.80
CA GLU B 128 15.55 21.34 33.65
C GLU B 128 15.30 22.34 34.77
N LYS B 129 15.43 21.86 36.00
CA LYS B 129 15.43 22.74 37.19
C LYS B 129 16.45 23.90 37.17
N PRO B 141 3.80 21.49 36.99
CA PRO B 141 2.67 22.03 36.30
C PRO B 141 2.34 21.33 34.96
N GLU B 142 1.65 22.09 34.12
CA GLU B 142 1.26 21.65 32.80
C GLU B 142 2.33 21.29 31.78
N ASP B 143 3.58 21.70 31.98
CA ASP B 143 4.64 21.45 30.96
C ASP B 143 5.88 20.92 31.60
N GLU B 144 5.73 20.29 32.77
CA GLU B 144 6.87 19.59 33.36
C GLU B 144 7.53 18.61 32.37
N ILE B 145 6.73 17.98 31.53
CA ILE B 145 7.28 16.97 30.60
C ILE B 145 7.10 17.53 29.20
N ALA B 146 8.14 17.51 28.35
CA ALA B 146 7.94 17.89 26.96
C ALA B 146 8.13 16.60 26.18
N VAL B 147 7.13 16.13 25.44
CA VAL B 147 7.38 15.01 24.54
C VAL B 147 7.51 15.50 23.07
N LEU B 148 8.55 15.04 22.37
CA LEU B 148 8.75 15.29 20.89
C LEU B 148 8.17 14.07 20.18
N ALA B 149 7.16 14.26 19.34
CA ALA B 149 6.39 13.18 18.72
C ALA B 149 6.69 13.18 17.24
N PHE B 150 7.15 12.03 16.72
CA PHE B 150 7.46 11.90 15.26
C PHE B 150 6.67 10.78 14.68
N LEU B 151 6.07 11.08 13.52
CA LEU B 151 5.20 10.17 12.84
C LEU B 151 6.08 9.36 11.85
N VAL B 152 5.76 8.08 11.75
CA VAL B 152 6.54 7.18 10.88
C VAL B 152 5.75 6.80 9.68
N GLU B 153 6.29 7.07 8.49
CA GLU B 153 5.56 6.57 7.34
C GLU B 153 6.22 5.35 6.61
N ALA B 154 5.46 4.34 6.17
CA ALA B 154 5.90 3.53 4.92
C ALA B 154 7.26 3.62 4.28
N GLY B 155 7.39 2.71 3.34
CA GLY B 155 8.09 3.13 2.14
C GLY B 155 8.90 2.16 1.26
N THR B 156 9.50 2.70 0.18
CA THR B 156 10.34 1.90 -0.80
C THR B 156 11.40 1.05 0.03
N GLN B 157 11.95 1.74 0.99
CA GLN B 157 13.18 1.19 1.42
C GLN B 157 13.71 1.43 2.73
N VAL B 158 14.94 0.96 2.82
CA VAL B 158 15.55 0.78 4.11
C VAL B 158 16.14 2.06 4.58
N ASN B 159 15.71 2.50 5.75
CA ASN B 159 16.31 3.67 6.36
C ASN B 159 17.48 3.15 7.20
N GLU B 160 18.69 3.38 6.71
CA GLU B 160 19.89 2.89 7.40
C GLU B 160 20.02 3.38 8.86
N GLY B 161 19.68 4.65 9.10
CA GLY B 161 19.88 5.25 10.47
C GLY B 161 19.14 4.48 11.58
N PHE B 162 18.04 3.89 11.20
CA PHE B 162 17.24 3.08 12.10
C PHE B 162 17.75 1.64 12.31
N GLN B 163 18.69 1.15 11.51
CA GLN B 163 19.03 -0.29 11.63
C GLN B 163 19.61 -0.74 12.97
N PRO B 164 20.41 0.10 13.62
CA PRO B 164 20.89 -0.34 14.93
C PRO B 164 19.73 -0.66 15.90
N LEU B 165 18.66 0.15 15.89
CA LEU B 165 17.55 -0.16 16.74
C LEU B 165 16.76 -1.43 16.30
N VAL B 166 16.54 -1.54 15.01
CA VAL B 166 15.73 -2.63 14.51
C VAL B 166 16.52 -3.93 14.75
N GLU B 167 17.83 -3.86 14.62
CA GLU B 167 18.62 -5.08 14.78
C GLU B 167 18.70 -5.50 16.27
N ALA B 168 18.53 -4.54 17.19
CA ALA B 168 18.59 -4.80 18.64
C ALA B 168 17.39 -5.61 19.09
N LEU B 169 16.28 -5.48 18.36
CA LEU B 169 14.96 -5.97 18.80
C LEU B 169 15.03 -7.50 18.99
N SER B 170 15.77 -8.20 18.12
CA SER B 170 15.91 -9.67 18.28
C SER B 170 16.42 -10.07 19.64
N ASN B 171 17.07 -9.15 20.33
CA ASN B 171 17.70 -9.54 21.60
C ASN B 171 16.83 -9.24 22.82
N ILE B 172 15.65 -8.61 22.59
CA ILE B 172 14.75 -8.22 23.70
C ILE B 172 13.31 -8.61 23.43
N PRO B 173 13.11 -9.89 23.05
CA PRO B 173 11.76 -10.34 22.68
C PRO B 173 10.77 -10.33 23.81
N LYS B 174 11.20 -10.51 25.06
CA LYS B 174 10.25 -10.55 26.17
C LYS B 174 10.34 -9.38 27.13
N PRO B 175 9.29 -9.16 27.94
CA PRO B 175 9.38 -8.03 28.86
C PRO B 175 10.49 -8.23 29.86
N GLU B 176 10.97 -7.12 30.43
CA GLU B 176 12.10 -7.18 31.29
C GLU B 176 13.41 -7.61 30.62
N MET B 177 13.57 -7.41 29.30
CA MET B 177 14.87 -7.73 28.68
C MET B 177 15.48 -6.44 28.15
N SER B 178 16.82 -6.34 28.15
CA SER B 178 17.43 -5.16 27.63
C SER B 178 18.63 -5.62 26.83
N THR B 179 19.17 -4.72 26.02
CA THR B 179 20.39 -5.02 25.24
C THR B 179 21.01 -3.71 24.86
N THR B 180 22.23 -3.75 24.32
CA THR B 180 22.94 -2.54 23.96
C THR B 180 22.88 -2.43 22.46
N MET B 181 22.52 -1.27 21.93
CA MET B 181 22.61 -1.06 20.45
C MET B 181 24.04 -0.73 19.95
N ALA B 182 24.32 -1.10 18.70
CA ALA B 182 25.44 -0.53 17.93
C ALA B 182 25.45 0.97 17.87
N GLU B 183 26.64 1.50 17.64
CA GLU B 183 26.82 2.92 17.66
C GLU B 183 25.70 3.62 16.90
N SER B 184 25.11 4.65 17.50
CA SER B 184 24.09 5.41 16.77
C SER B 184 23.80 6.71 17.51
N SER B 185 23.27 7.71 16.80
CA SER B 185 22.88 8.99 17.42
C SER B 185 21.38 9.14 17.34
N LEU B 186 20.81 10.06 18.11
CA LEU B 186 19.37 10.27 18.01
C LEU B 186 19.03 10.79 16.61
N LEU B 187 19.91 11.61 16.04
CA LEU B 187 19.58 12.31 14.78
C LEU B 187 19.46 11.26 13.73
N ASP B 188 20.17 10.15 13.90
CA ASP B 188 20.10 9.04 12.94
C ASP B 188 18.64 8.60 12.78
N LEU B 189 17.85 8.69 13.85
CA LEU B 189 16.52 8.14 13.84
C LEU B 189 15.46 9.14 13.36
N LEU B 190 15.86 10.42 13.21
CA LEU B 190 14.90 11.54 13.05
C LEU B 190 14.99 12.09 11.63
N PRO B 191 13.93 12.81 11.17
CA PRO B 191 14.04 13.45 9.88
C PRO B 191 15.16 14.48 9.95
N LYS B 192 15.62 14.99 8.80
CA LYS B 192 16.75 15.96 8.77
C LYS B 192 16.38 17.16 9.60
N GLU B 193 17.37 17.75 10.24
CA GLU B 193 17.05 18.72 11.27
C GLU B 193 16.35 19.90 10.58
N GLU B 194 16.80 20.25 9.38
CA GLU B 194 16.15 21.32 8.64
C GLU B 194 14.64 21.13 8.40
N LYS B 195 14.18 19.87 8.34
CA LYS B 195 12.75 19.66 8.07
C LYS B 195 11.94 19.62 9.38
N LEU B 196 12.55 20.04 10.47
CA LEU B 196 11.89 20.03 11.80
C LEU B 196 11.39 21.43 12.22
N ARG B 197 11.39 22.36 11.28
CA ARG B 197 10.87 23.73 11.59
C ARG B 197 9.38 23.86 11.81
N HIS B 198 8.63 22.99 11.14
CA HIS B 198 7.18 22.99 11.19
C HIS B 198 6.69 21.87 12.16
N TYR B 199 5.89 22.27 13.14
CA TYR B 199 5.44 21.39 14.19
C TYR B 199 4.19 22.00 14.81
N PHE B 200 3.37 21.15 15.39
CA PHE B 200 2.17 21.55 16.07
C PHE B 200 2.46 21.42 17.57
N ARG B 201 1.75 22.14 18.39
CA ARG B 201 2.06 22.34 19.82
C ARG B 201 0.73 22.48 20.55
N TYR B 202 0.49 21.64 21.59
CA TYR B 202 -0.68 21.75 22.43
C TYR B 202 -0.32 21.17 23.80
N LEU B 203 -1.16 21.41 24.80
CA LEU B 203 -0.98 20.97 26.18
C LEU B 203 -1.86 19.76 26.42
N GLY B 204 -1.29 18.75 27.07
CA GLY B 204 -2.02 17.51 27.24
C GLY B 204 -1.36 16.56 28.21
N SER B 205 -1.54 15.24 28.00
CA SER B 205 -1.31 14.27 29.02
C SER B 205 -0.28 13.22 28.53
N LEU B 206 0.17 12.41 29.48
CA LEU B 206 0.90 11.17 29.15
C LEU B 206 -0.11 10.30 28.48
N THR B 207 0.30 9.45 27.53
CA THR B 207 -0.71 8.56 26.90
C THR B 207 -0.74 7.13 27.50
N THR B 208 -0.09 6.95 28.64
CA THR B 208 -0.22 5.72 29.37
C THR B 208 -0.56 6.11 30.83
N PRO B 209 -1.22 5.20 31.57
CA PRO B 209 -1.50 5.45 32.99
C PRO B 209 -0.19 5.84 33.66
N THR B 210 -0.19 6.89 34.50
CA THR B 210 -1.40 7.46 35.08
C THR B 210 -2.02 8.59 34.30
N CYS B 211 -1.59 8.75 33.05
CA CYS B 211 -2.10 9.82 32.20
C CYS B 211 -1.97 11.27 32.80
N ASP B 212 -0.88 11.58 33.50
CA ASP B 212 -0.82 12.91 34.16
C ASP B 212 -0.87 14.06 33.13
N GLU B 213 -1.52 15.18 33.48
CA GLU B 213 -1.80 16.23 32.54
C GLU B 213 -0.73 17.28 32.77
N LYS B 214 0.50 16.87 32.42
CA LYS B 214 1.72 17.63 32.66
C LYS B 214 2.59 17.67 31.43
N VAL B 215 1.98 17.46 30.26
CA VAL B 215 2.85 17.36 29.09
C VAL B 215 2.58 18.55 28.16
N VAL B 216 3.65 19.15 27.66
CA VAL B 216 3.61 20.08 26.49
C VAL B 216 4.03 19.23 25.28
N TRP B 217 3.10 18.99 24.35
CA TRP B 217 3.32 18.16 23.21
C TRP B 217 3.82 18.90 22.02
N THR B 218 4.75 18.28 21.31
CA THR B 218 5.17 18.77 20.01
C THR B 218 5.04 17.60 19.03
N VAL B 219 4.28 17.81 17.96
CA VAL B 219 4.12 16.81 16.91
C VAL B 219 4.70 17.41 15.64
N PHE B 220 5.80 16.83 15.15
CA PHE B 220 6.45 17.37 13.97
C PHE B 220 5.68 17.07 12.72
N ARG B 221 5.71 18.01 11.81
CA ARG B 221 5.02 17.83 10.57
C ARG B 221 5.67 16.76 9.67
N GLU B 222 6.98 16.69 9.64
CA GLU B 222 7.62 15.88 8.63
C GLU B 222 7.79 14.45 9.20
N PRO B 223 7.35 13.45 8.45
CA PRO B 223 7.42 12.09 8.97
C PRO B 223 8.81 11.49 8.88
N ILE B 224 9.06 10.49 9.72
CA ILE B 224 10.17 9.57 9.48
C ILE B 224 9.77 8.54 8.39
N GLN B 225 10.63 8.28 7.42
CA GLN B 225 10.31 7.24 6.42
C GLN B 225 10.97 5.95 6.84
N LEU B 226 10.23 4.84 6.91
CA LEU B 226 10.91 3.57 7.28
C LEU B 226 10.40 2.50 6.36
N HIS B 227 11.24 1.53 6.00
CA HIS B 227 10.68 0.33 5.36
C HIS B 227 9.50 -0.34 6.06
N ARG B 228 8.44 -0.68 5.32
CA ARG B 228 7.44 -1.65 5.83
C ARG B 228 8.01 -2.76 6.69
N GLU B 229 9.16 -3.32 6.25
CA GLU B 229 9.74 -4.40 6.99
C GLU B 229 10.48 -3.98 8.21
N GLN B 230 10.93 -2.71 8.25
CA GLN B 230 11.63 -2.25 9.43
C GLN B 230 10.55 -2.03 10.51
N ILE B 231 9.37 -1.56 10.08
CA ILE B 231 8.22 -1.43 10.99
C ILE B 231 7.76 -2.81 11.47
N LEU B 232 7.68 -3.80 10.56
CA LEU B 232 7.05 -5.09 10.92
C LEU B 232 8.01 -5.82 11.85
N ALA B 233 9.31 -5.45 11.81
CA ALA B 233 10.28 -6.07 12.71
C ALA B 233 9.78 -5.92 14.19
N PHE B 234 9.09 -4.83 14.49
CA PHE B 234 8.65 -4.62 15.88
C PHE B 234 7.66 -5.69 16.31
N SER B 235 6.58 -5.87 15.54
CA SER B 235 5.61 -6.92 15.81
C SER B 235 6.12 -8.35 15.53
N GLN B 236 7.05 -8.56 14.61
CA GLN B 236 7.60 -9.94 14.39
C GLN B 236 8.51 -10.42 15.53
N LYS B 237 9.26 -9.49 16.12
CA LYS B 237 10.31 -9.82 17.13
C LYS B 237 9.95 -9.66 18.60
N LEU B 238 8.96 -8.80 18.90
CA LEU B 238 8.62 -8.47 20.30
C LEU B 238 7.29 -9.05 20.71
N TYR B 239 7.14 -9.33 22.03
CA TYR B 239 5.97 -9.89 22.62
C TYR B 239 5.69 -9.04 23.86
N TYR B 240 4.42 -8.94 24.21
CA TYR B 240 3.91 -8.23 25.34
C TYR B 240 4.22 -9.05 26.59
N ASP B 241 4.34 -10.37 26.40
CA ASP B 241 4.41 -11.32 27.54
C ASP B 241 5.55 -12.29 27.49
N LYS B 242 5.93 -12.78 28.68
CA LYS B 242 7.14 -13.59 28.77
C LYS B 242 6.88 -14.98 28.21
N GLU B 243 5.62 -15.43 28.01
CA GLU B 243 5.29 -16.72 27.48
C GLU B 243 5.24 -16.65 25.94
N GLN B 244 5.46 -15.44 25.41
CA GLN B 244 5.48 -15.20 23.94
C GLN B 244 4.23 -15.72 23.26
N THR B 245 3.08 -15.27 23.77
CA THR B 245 1.82 -15.62 23.10
C THR B 245 1.18 -14.44 22.36
N VAL B 246 1.53 -13.21 22.76
CA VAL B 246 0.94 -12.04 22.11
C VAL B 246 2.03 -11.12 21.56
N SER B 247 2.18 -11.12 20.24
CA SER B 247 3.08 -10.24 19.56
C SER B 247 2.76 -8.82 19.95
N MET B 248 3.80 -8.02 20.16
CA MET B 248 3.58 -6.65 20.59
C MET B 248 3.20 -5.82 19.35
N LYS B 249 1.94 -5.33 19.32
CA LYS B 249 1.47 -4.44 18.29
C LYS B 249 0.22 -3.79 18.84
N ASP B 250 -0.20 -2.72 18.15
CA ASP B 250 -1.34 -1.93 18.52
C ASP B 250 -1.24 -1.46 19.98
N ASN B 251 -0.04 -1.11 20.40
CA ASN B 251 0.13 -0.52 21.72
C ASN B 251 -0.16 1.00 21.60
N VAL B 252 -1.43 1.30 21.28
CA VAL B 252 -1.94 2.62 20.83
C VAL B 252 -3.14 3.02 21.69
N ARG B 253 -3.09 4.20 22.29
CA ARG B 253 -4.28 4.66 23.04
C ARG B 253 -5.24 5.35 22.05
N PRO B 254 -6.56 5.09 22.17
CA PRO B 254 -7.56 5.78 21.30
C PRO B 254 -7.52 7.24 21.41
N LEU B 255 -8.03 7.90 20.38
CA LEU B 255 -8.07 9.38 20.28
C LEU B 255 -8.87 10.05 21.39
N GLN B 256 -8.35 11.15 21.92
CA GLN B 256 -9.06 11.83 23.02
C GLN B 256 -9.68 13.13 22.48
N GLN B 257 -10.53 13.76 23.24
CA GLN B 257 -11.29 14.93 22.81
C GLN B 257 -10.45 16.17 23.03
N LEU B 258 -10.35 17.03 22.02
CA LEU B 258 -9.70 18.30 22.20
C LEU B 258 -10.28 19.09 23.41
N GLY B 259 -11.58 19.07 23.59
CA GLY B 259 -12.19 19.87 24.68
C GLY B 259 -11.99 21.37 24.44
N GLN B 260 -11.71 22.10 25.52
CA GLN B 260 -11.62 23.56 25.42
C GLN B 260 -10.23 24.11 24.93
N ARG B 261 -9.32 23.20 24.64
CA ARG B 261 -7.95 23.55 24.29
C ARG B 261 -7.75 24.05 22.87
N THR B 262 -6.66 24.79 22.65
CA THR B 262 -6.29 25.13 21.29
C THR B 262 -4.97 24.43 20.86
N VAL B 263 -4.83 24.16 19.58
CA VAL B 263 -3.59 23.71 18.98
C VAL B 263 -3.04 24.84 18.14
N ILE B 264 -1.74 25.16 18.30
CA ILE B 264 -1.05 26.17 17.51
C ILE B 264 0.14 25.54 16.77
N LYS B 265 0.73 26.24 15.79
CA LYS B 265 1.78 25.60 15.01
C LYS B 265 2.83 26.65 14.71
N SER B 266 3.99 26.18 14.29
CA SER B 266 5.07 27.06 13.99
C SER B 266 4.94 27.66 12.58
N TRP C 5 -28.89 -7.13 8.40
CA TRP C 5 -27.90 -5.99 8.58
C TRP C 5 -28.40 -4.91 9.50
N CYS C 6 -27.53 -4.40 10.36
CA CYS C 6 -27.88 -3.28 11.23
C CYS C 6 -26.65 -2.42 11.47
N TYR C 7 -26.87 -1.27 12.06
CA TYR C 7 -25.79 -0.43 12.60
C TYR C 7 -25.37 -0.88 14.01
N GLU C 8 -24.13 -0.56 14.37
CA GLU C 8 -23.53 -0.87 15.69
C GLU C 8 -24.50 -0.59 16.82
N VAL C 9 -25.13 0.61 16.79
CA VAL C 9 -25.99 1.05 17.88
C VAL C 9 -27.18 0.11 18.03
N GLN C 10 -27.66 -0.49 16.93
CA GLN C 10 -28.86 -1.32 17.05
C GLN C 10 -28.53 -2.64 17.78
N ALA C 11 -27.36 -3.20 17.51
CA ALA C 11 -27.01 -4.47 18.13
C ALA C 11 -26.74 -4.18 19.60
N GLU C 12 -26.22 -2.98 19.87
CA GLU C 12 -26.09 -2.60 21.26
C GLU C 12 -27.42 -2.49 22.03
N SER C 13 -28.56 -2.97 21.47
CA SER C 13 -29.80 -3.26 22.27
C SER C 13 -30.68 -4.46 21.83
N CYS C 18 -28.58 -9.21 15.25
CA CYS C 18 -28.38 -8.53 13.90
C CYS C 18 -26.90 -8.34 13.49
N LEU C 19 -26.71 -8.06 12.22
CA LEU C 19 -25.34 -8.12 11.66
C LEU C 19 -24.68 -6.76 11.51
N VAL C 20 -23.74 -6.46 12.41
CA VAL C 20 -23.07 -5.12 12.49
C VAL C 20 -22.17 -4.81 11.28
N PRO C 21 -21.78 -3.51 11.14
CA PRO C 21 -21.18 -3.15 9.88
C PRO C 21 -19.90 -3.94 9.52
N VAL C 22 -19.05 -4.28 10.49
CA VAL C 22 -17.91 -5.16 10.17
C VAL C 22 -18.24 -6.52 9.52
N LYS C 23 -19.46 -7.00 9.72
CA LYS C 23 -19.82 -8.35 9.27
C LYS C 23 -20.82 -8.26 8.13
N TRP C 24 -21.06 -7.05 7.64
CA TRP C 24 -21.94 -6.89 6.49
C TRP C 24 -21.54 -7.81 5.31
N GLY C 25 -22.53 -8.59 4.52
CA GLY C 25 -22.11 -9.36 3.35
C GLY C 25 -22.18 -8.51 2.08
N GLY C 26 -22.67 -9.12 0.99
CA GLY C 26 -22.77 -8.43 -0.32
C GLY C 26 -21.38 -7.96 -0.76
N ASN C 27 -21.34 -6.78 -1.35
CA ASN C 27 -20.06 -6.24 -1.77
C ASN C 27 -19.34 -5.48 -0.65
N CYS C 28 -19.86 -5.57 0.58
CA CYS C 28 -19.41 -4.59 1.63
C CYS C 28 -18.02 -4.81 2.09
N GLN C 29 -17.49 -5.96 1.67
CA GLN C 29 -16.18 -6.43 2.11
C GLN C 29 -15.08 -6.24 1.01
N LYS C 30 -15.37 -5.43 -0.02
CA LYS C 30 -14.43 -5.13 -1.06
C LYS C 30 -13.51 -3.98 -0.74
N ASP C 31 -12.83 -3.47 -1.79
CA ASP C 31 -11.61 -2.61 -1.85
C ASP C 31 -11.84 -1.11 -2.08
N ARG C 32 -13.00 -0.80 -2.57
CA ARG C 32 -13.26 0.60 -2.93
C ARG C 32 -14.55 1.09 -2.22
N GLN C 33 -14.61 0.96 -0.89
CA GLN C 33 -15.79 1.20 -0.12
C GLN C 33 -15.91 2.64 0.37
N SER C 34 -17.10 2.99 0.83
CA SER C 34 -17.34 4.35 1.32
C SER C 34 -18.03 4.20 2.64
N PRO C 35 -17.90 5.19 3.54
CA PRO C 35 -17.29 6.49 3.44
C PRO C 35 -15.83 6.46 3.81
N ILE C 36 -15.18 7.60 3.64
CA ILE C 36 -13.77 7.72 3.94
C ILE C 36 -13.50 9.02 4.65
N ASN C 37 -12.29 9.14 5.19
CA ASN C 37 -11.75 10.45 5.66
C ASN C 37 -11.11 11.20 4.52
N ILE C 38 -11.39 12.52 4.42
CA ILE C 38 -10.78 13.30 3.31
C ILE C 38 -9.74 14.25 3.86
N VAL C 39 -8.46 13.96 3.58
CA VAL C 39 -7.40 14.90 3.87
C VAL C 39 -7.42 16.04 2.80
N THR C 40 -7.92 17.20 3.19
CA THR C 40 -8.39 18.19 2.20
C THR C 40 -7.20 18.75 1.43
N THR C 41 -6.05 18.84 2.12
CA THR C 41 -4.86 19.40 1.51
C THR C 41 -4.15 18.42 0.59
N LYS C 42 -4.42 17.13 0.70
CA LYS C 42 -3.78 16.17 -0.21
C LYS C 42 -4.67 15.93 -1.44
N ALA C 43 -5.89 16.41 -1.41
CA ALA C 43 -6.77 16.29 -2.58
C ALA C 43 -6.32 17.26 -3.69
N LYS C 44 -5.94 16.78 -4.88
CA LYS C 44 -5.46 17.71 -5.94
C LYS C 44 -6.57 18.46 -6.67
N VAL C 45 -6.39 19.76 -6.89
CA VAL C 45 -7.40 20.51 -7.67
C VAL C 45 -7.53 19.95 -9.08
N ASP C 46 -8.73 19.80 -9.63
CA ASP C 46 -8.93 19.31 -10.97
C ASP C 46 -9.90 20.30 -11.63
N LYS C 47 -9.37 20.97 -12.65
CA LYS C 47 -10.02 22.12 -13.28
C LYS C 47 -11.27 21.72 -14.02
N LYS C 48 -11.39 20.44 -14.32
CA LYS C 48 -12.58 19.98 -15.02
C LYS C 48 -13.78 19.83 -14.07
N LEU C 49 -13.57 20.04 -12.74
CA LEU C 49 -14.70 19.96 -11.79
C LEU C 49 -15.30 21.37 -11.73
N GLY C 50 -16.22 21.68 -12.64
CA GLY C 50 -16.80 23.03 -12.75
C GLY C 50 -18.10 23.01 -11.97
N ARG C 51 -18.86 24.10 -12.00
CA ARG C 51 -20.03 24.16 -11.15
C ARG C 51 -21.07 23.10 -11.53
N PHE C 52 -21.95 22.81 -10.57
CA PHE C 52 -23.08 21.97 -10.87
C PHE C 52 -24.21 22.82 -11.50
N PHE C 53 -25.03 22.20 -12.35
CA PHE C 53 -26.35 22.70 -12.77
C PHE C 53 -27.48 21.88 -12.16
N PHE C 54 -28.33 22.50 -11.31
CA PHE C 54 -29.49 21.82 -10.75
C PHE C 54 -30.71 22.07 -11.59
N SER C 55 -31.57 21.07 -11.66
CA SER C 55 -32.79 21.20 -12.36
C SER C 55 -33.91 20.62 -11.53
N GLY C 56 -34.98 21.38 -11.29
CA GLY C 56 -36.01 20.90 -10.38
C GLY C 56 -35.66 21.05 -8.89
N TYR C 57 -34.47 21.61 -8.60
CA TYR C 57 -34.06 21.87 -7.19
C TYR C 57 -34.72 23.15 -6.65
N ASP C 58 -35.20 23.92 -7.62
CA ASP C 58 -35.81 25.27 -7.57
C ASP C 58 -37.29 25.24 -7.06
N LYS C 59 -38.07 24.31 -7.65
CA LYS C 59 -39.53 24.22 -7.57
C LYS C 59 -40.11 23.63 -6.26
N LYS C 60 -41.12 24.32 -5.72
CA LYS C 60 -41.82 23.89 -4.50
C LYS C 60 -42.68 22.66 -4.81
N GLN C 61 -42.60 21.65 -3.97
CA GLN C 61 -43.21 20.37 -4.23
C GLN C 61 -43.81 19.98 -2.88
N THR C 62 -44.81 19.11 -2.85
CA THR C 62 -45.11 18.47 -1.58
C THR C 62 -44.55 17.06 -1.59
N TRP C 63 -43.33 16.88 -1.07
CA TRP C 63 -42.71 15.56 -1.19
C TRP C 63 -43.30 14.50 -0.26
N THR C 64 -43.21 13.23 -0.66
CA THR C 64 -43.42 12.11 0.25
C THR C 64 -42.09 11.82 0.99
N VAL C 65 -42.15 11.73 2.33
CA VAL C 65 -41.02 11.33 3.13
C VAL C 65 -41.42 10.15 3.98
N GLN C 66 -40.52 9.16 4.11
CA GLN C 66 -40.79 7.89 4.79
C GLN C 66 -39.65 7.39 5.67
N ASN C 67 -40.01 6.53 6.63
CA ASN C 67 -39.04 5.90 7.56
C ASN C 67 -38.91 4.51 7.02
N ASN C 68 -37.71 4.15 6.53
CA ASN C 68 -37.49 2.81 5.99
C ASN C 68 -36.78 1.93 6.97
N GLY C 69 -36.67 2.39 8.22
CA GLY C 69 -36.08 1.59 9.26
C GLY C 69 -34.57 1.81 9.37
N HIS C 70 -33.98 2.60 8.45
CA HIS C 70 -32.54 2.90 8.59
C HIS C 70 -32.27 4.37 8.49
N SER C 71 -33.24 5.12 7.94
CA SER C 71 -33.14 6.56 7.74
C SER C 71 -34.56 7.13 7.52
N VAL C 72 -34.63 8.43 7.22
CA VAL C 72 -35.81 9.04 6.65
C VAL C 72 -35.40 9.47 5.22
N MET C 73 -36.32 9.27 4.26
CA MET C 73 -36.01 9.33 2.88
C MET C 73 -37.11 10.07 2.15
N MET C 74 -36.77 11.15 1.48
CA MET C 74 -37.72 11.78 0.62
C MET C 74 -37.64 11.10 -0.74
N LEU C 75 -38.81 10.86 -1.33
CA LEU C 75 -38.89 10.25 -2.65
C LEU C 75 -38.80 11.32 -3.71
N LEU C 76 -37.73 11.29 -4.50
CA LEU C 76 -37.59 12.36 -5.47
C LEU C 76 -38.10 12.05 -6.89
N GLU C 77 -38.28 10.79 -7.23
CA GLU C 77 -39.09 10.44 -8.43
C GLU C 77 -38.76 11.08 -9.78
N ASN C 78 -37.48 11.24 -10.06
CA ASN C 78 -37.04 11.91 -11.30
C ASN C 78 -37.73 13.24 -11.57
N LYS C 79 -38.38 13.90 -10.36
CA LYS C 79 -38.56 15.41 -10.40
C LYS C 79 -37.42 16.38 -10.36
N ALA C 80 -36.19 15.86 -10.26
CA ALA C 80 -35.04 16.73 -10.21
C ALA C 80 -33.89 15.97 -10.86
N SER C 81 -32.84 16.70 -11.30
CA SER C 81 -31.74 16.09 -11.97
C SER C 81 -30.58 17.10 -11.84
N ILE C 82 -29.37 16.62 -12.12
CA ILE C 82 -28.20 17.45 -12.10
C ILE C 82 -27.36 17.20 -13.34
N SER C 83 -26.46 18.11 -13.67
CA SER C 83 -25.44 17.88 -14.68
C SER C 83 -24.28 18.80 -14.27
N GLY C 84 -23.24 18.92 -15.08
CA GLY C 84 -22.09 19.75 -14.69
C GLY C 84 -21.38 18.99 -13.57
N GLY C 85 -20.57 19.65 -12.77
CA GLY C 85 -19.98 18.99 -11.60
C GLY C 85 -18.97 17.99 -12.05
N GLY C 86 -18.35 18.25 -13.22
CA GLY C 86 -17.39 17.29 -13.77
C GLY C 86 -18.04 15.90 -13.99
N LEU C 87 -19.37 15.80 -13.99
CA LEU C 87 -19.95 14.49 -14.26
C LEU C 87 -20.01 14.13 -15.75
N PRO C 88 -20.07 12.84 -16.08
CA PRO C 88 -20.03 12.38 -17.48
C PRO C 88 -21.38 12.46 -18.18
N ALA C 89 -22.43 12.62 -17.41
CA ALA C 89 -23.74 12.65 -18.02
C ALA C 89 -24.60 13.37 -17.01
N PRO C 90 -25.83 13.71 -17.40
CA PRO C 90 -26.82 14.19 -16.47
C PRO C 90 -27.25 13.02 -15.63
N TYR C 91 -27.63 13.30 -14.38
CA TYR C 91 -28.10 12.23 -13.51
C TYR C 91 -29.46 12.56 -13.02
N GLN C 92 -30.37 11.59 -13.00
CA GLN C 92 -31.73 11.93 -12.46
C GLN C 92 -31.85 11.54 -10.94
N ALA C 93 -32.46 12.45 -10.16
CA ALA C 93 -32.60 12.29 -8.69
C ALA C 93 -33.63 11.23 -8.31
N LYS C 94 -33.25 10.34 -7.39
CA LYS C 94 -34.14 9.29 -6.96
C LYS C 94 -34.69 9.53 -5.55
N GLN C 95 -33.79 9.83 -4.61
CA GLN C 95 -34.20 9.95 -3.21
C GLN C 95 -33.16 10.75 -2.47
N LEU C 96 -33.57 11.28 -1.31
CA LEU C 96 -32.67 12.04 -0.41
C LEU C 96 -32.87 11.43 1.02
N HIS C 97 -31.81 11.20 1.77
CA HIS C 97 -31.96 10.71 3.14
C HIS C 97 -30.79 11.27 3.93
N LEU C 98 -30.73 10.97 5.23
CA LEU C 98 -29.72 11.53 6.13
C LEU C 98 -29.14 10.48 7.08
N HIS C 99 -27.94 10.75 7.58
CA HIS C 99 -27.33 9.96 8.64
C HIS C 99 -27.06 10.97 9.75
N TRP C 100 -27.16 10.60 11.03
CA TRP C 100 -26.96 11.63 12.07
C TRP C 100 -26.70 10.97 13.42
N SER C 101 -26.26 11.77 14.41
CA SER C 101 -26.20 11.22 15.75
C SER C 101 -26.97 12.22 16.67
N ASP C 102 -26.58 12.30 17.95
CA ASP C 102 -27.25 13.25 18.85
C ASP C 102 -26.17 13.98 19.61
N LEU C 103 -24.91 13.87 19.17
CA LEU C 103 -23.78 14.59 19.76
C LEU C 103 -23.16 15.32 18.61
N PRO C 104 -22.70 16.57 18.84
CA PRO C 104 -22.48 17.52 17.74
C PRO C 104 -21.28 17.17 16.91
N TYR C 105 -20.40 16.36 17.46
CA TYR C 105 -19.15 16.05 16.83
C TYR C 105 -19.18 14.70 16.09
N LYS C 106 -20.34 14.10 15.83
CA LYS C 106 -20.29 12.71 15.27
C LYS C 106 -21.39 12.02 14.44
N GLY C 107 -22.29 12.69 13.79
CA GLY C 107 -23.25 11.95 12.97
C GLY C 107 -23.02 11.87 11.48
N SER C 108 -21.89 12.35 10.95
CA SER C 108 -21.68 12.25 9.48
C SER C 108 -21.01 10.90 9.12
N GLU C 109 -21.06 10.53 7.85
CA GLU C 109 -20.30 9.34 7.41
C GLU C 109 -18.91 9.61 6.97
N HIS C 110 -18.75 10.47 5.93
CA HIS C 110 -17.49 11.13 5.70
C HIS C 110 -17.01 12.05 6.85
N SER C 111 -15.68 12.11 6.97
CA SER C 111 -15.02 13.13 7.77
C SER C 111 -14.11 13.99 6.84
N LEU C 112 -13.87 15.24 7.24
CA LEU C 112 -12.97 16.13 6.54
C LEU C 112 -11.84 16.43 7.53
N ASP C 113 -10.60 16.05 7.19
CA ASP C 113 -9.46 16.26 8.11
C ASP C 113 -9.70 15.71 9.53
N GLY C 114 -10.36 14.57 9.59
CA GLY C 114 -10.61 13.90 10.84
C GLY C 114 -11.77 14.48 11.67
N GLU C 115 -12.45 15.52 11.12
CA GLU C 115 -13.62 16.07 11.79
C GLU C 115 -14.86 15.53 11.20
N HIS C 116 -15.67 14.96 12.06
CA HIS C 116 -16.97 14.46 11.64
C HIS C 116 -17.96 15.57 11.93
N PHE C 117 -19.15 15.56 11.30
CA PHE C 117 -20.13 16.59 11.51
C PHE C 117 -21.41 16.01 12.15
N ALA C 118 -22.36 16.88 12.48
CA ALA C 118 -23.55 16.43 13.25
C ALA C 118 -24.50 15.56 12.41
N MET C 119 -24.49 15.73 11.09
CA MET C 119 -25.35 14.90 10.22
C MET C 119 -24.74 14.95 8.85
N GLU C 120 -25.21 14.04 8.00
CA GLU C 120 -24.79 14.07 6.61
C GLU C 120 -25.99 13.75 5.77
N MET C 121 -26.21 14.60 4.80
CA MET C 121 -27.35 14.38 3.89
C MET C 121 -26.88 13.85 2.57
N HIS C 122 -27.57 12.84 2.06
CA HIS C 122 -27.23 12.28 0.75
C HIS C 122 -28.35 12.43 -0.28
N ILE C 123 -28.04 12.96 -1.48
CA ILE C 123 -29.03 13.04 -2.57
C ILE C 123 -28.51 12.10 -3.66
N VAL C 124 -29.28 11.06 -3.87
CA VAL C 124 -28.86 9.91 -4.62
C VAL C 124 -29.42 10.05 -6.07
N HIS C 125 -28.53 10.12 -7.04
CA HIS C 125 -29.02 10.20 -8.45
C HIS C 125 -28.53 9.00 -9.32
N GLU C 126 -29.20 8.81 -10.46
CA GLU C 126 -28.97 7.70 -11.38
C GLU C 126 -28.54 8.21 -12.77
N LYS C 127 -27.46 7.66 -13.31
CA LYS C 127 -26.82 8.14 -14.50
C LYS C 127 -27.73 8.00 -15.75
N GLU C 128 -27.74 8.98 -16.65
CA GLU C 128 -28.39 8.77 -17.96
C GLU C 128 -27.37 8.17 -18.92
N LYS C 129 -27.36 6.87 -19.09
CA LYS C 129 -26.33 6.21 -19.92
C LYS C 129 -26.69 6.17 -21.43
N PRO C 141 -20.69 -0.47 -13.80
CA PRO C 141 -20.10 0.85 -14.21
C PRO C 141 -19.89 1.69 -12.96
N GLU C 142 -18.68 2.19 -12.81
CA GLU C 142 -18.22 2.66 -11.52
C GLU C 142 -18.92 3.98 -11.06
N ASP C 143 -19.62 4.65 -11.99
CA ASP C 143 -20.27 5.93 -11.73
C ASP C 143 -21.76 5.95 -12.11
N GLU C 144 -22.43 4.81 -12.01
CA GLU C 144 -23.87 4.67 -12.27
C GLU C 144 -24.74 5.52 -11.31
N ILE C 145 -24.25 5.68 -10.10
CA ILE C 145 -24.91 6.50 -9.10
C ILE C 145 -24.00 7.63 -8.75
N ALA C 146 -24.57 8.83 -8.71
CA ALA C 146 -23.97 10.00 -8.15
C ALA C 146 -24.67 10.34 -6.84
N VAL C 147 -23.91 10.28 -5.74
CA VAL C 147 -24.47 10.85 -4.49
C VAL C 147 -23.90 12.21 -4.19
N LEU C 148 -24.77 13.17 -3.96
CA LEU C 148 -24.35 14.50 -3.49
C LEU C 148 -24.45 14.47 -1.94
N ALA C 149 -23.35 14.67 -1.23
CA ALA C 149 -23.34 14.59 0.23
C ALA C 149 -23.07 15.95 0.83
N PHE C 150 -23.94 16.30 1.79
CA PHE C 150 -23.84 17.59 2.43
C PHE C 150 -23.66 17.36 3.92
N LEU C 151 -22.74 18.12 4.50
CA LEU C 151 -22.37 17.91 5.90
C LEU C 151 -23.15 18.93 6.70
N VAL C 152 -23.60 18.57 7.88
CA VAL C 152 -24.49 19.48 8.61
C VAL C 152 -23.83 19.88 9.94
N GLU C 153 -23.69 21.19 10.20
CA GLU C 153 -23.23 21.56 11.47
C GLU C 153 -24.26 22.21 12.38
N ALA C 154 -24.09 21.92 13.67
CA ALA C 154 -25.03 22.32 14.65
C ALA C 154 -24.74 23.75 15.08
N GLY C 155 -25.81 24.50 15.31
CA GLY C 155 -25.64 25.82 15.91
C GLY C 155 -26.89 26.37 16.52
N THR C 156 -26.98 27.70 16.52
CA THR C 156 -28.18 28.42 17.07
C THR C 156 -28.94 29.11 16.02
N GLN C 157 -28.55 28.94 14.76
CA GLN C 157 -29.33 29.53 13.65
C GLN C 157 -30.48 28.58 13.21
N VAL C 158 -31.72 29.01 13.34
CA VAL C 158 -32.83 28.17 12.98
C VAL C 158 -32.89 28.06 11.43
N ASN C 159 -32.90 26.85 10.88
CA ASN C 159 -32.88 26.73 9.40
C ASN C 159 -34.32 26.60 8.96
N GLU C 160 -34.85 27.67 8.44
CA GLU C 160 -36.22 27.73 7.99
C GLU C 160 -36.53 26.75 6.89
N GLY C 161 -35.58 26.57 5.96
CA GLY C 161 -35.86 25.62 4.85
C GLY C 161 -36.04 24.17 5.28
N PHE C 162 -35.44 23.79 6.40
CA PHE C 162 -35.64 22.40 6.93
C PHE C 162 -36.92 22.15 7.67
N GLN C 163 -37.72 23.19 7.93
CA GLN C 163 -38.77 23.00 8.92
C GLN C 163 -39.85 22.03 8.40
N PRO C 164 -40.19 22.10 7.10
CA PRO C 164 -41.20 21.18 6.61
C PRO C 164 -40.77 19.69 6.84
N LEU C 165 -39.50 19.40 6.61
CA LEU C 165 -39.03 18.02 6.84
C LEU C 165 -39.06 17.71 8.32
N VAL C 166 -38.52 18.61 9.13
CA VAL C 166 -38.42 18.36 10.62
C VAL C 166 -39.81 18.27 11.25
N GLU C 167 -40.78 19.10 10.83
CA GLU C 167 -42.17 18.89 11.28
C GLU C 167 -42.76 17.54 10.82
N ALA C 168 -42.42 17.07 9.64
CA ALA C 168 -42.98 15.81 9.18
C ALA C 168 -42.48 14.62 9.98
N LEU C 169 -41.29 14.74 10.55
CA LEU C 169 -40.73 13.55 11.22
C LEU C 169 -41.66 12.99 12.28
N SER C 170 -42.42 13.83 12.98
CA SER C 170 -43.16 13.21 14.07
C SER C 170 -44.39 12.43 13.50
N ASN C 171 -44.63 12.48 12.21
CA ASN C 171 -45.72 11.67 11.65
C ASN C 171 -45.15 10.35 11.12
N ILE C 172 -43.83 10.16 11.20
CA ILE C 172 -43.23 8.91 10.73
C ILE C 172 -42.29 8.25 11.73
N PRO C 173 -42.76 7.99 12.95
CA PRO C 173 -41.82 7.54 13.99
C PRO C 173 -41.34 6.15 13.75
N LYS C 174 -42.13 5.36 13.03
CA LYS C 174 -41.90 3.93 12.89
C LYS C 174 -41.59 3.44 11.47
N PRO C 175 -40.78 2.41 11.34
CA PRO C 175 -40.46 1.96 9.97
C PRO C 175 -41.69 1.72 9.11
N GLU C 176 -41.56 2.14 7.86
CA GLU C 176 -42.57 1.82 6.88
C GLU C 176 -43.80 2.69 6.99
N MET C 177 -43.71 3.78 7.75
CA MET C 177 -44.71 4.85 7.69
C MET C 177 -44.30 5.95 6.72
N SER C 178 -45.23 6.53 5.97
CA SER C 178 -44.82 7.64 5.10
C SER C 178 -45.79 8.80 5.33
N THR C 179 -45.39 10.02 4.92
CA THR C 179 -46.21 11.21 5.18
C THR C 179 -45.91 12.20 4.11
N THR C 180 -46.69 13.27 4.04
CA THR C 180 -46.53 14.23 2.97
C THR C 180 -45.97 15.50 3.55
N MET C 181 -44.89 16.03 2.98
CA MET C 181 -44.33 17.26 3.55
C MET C 181 -45.07 18.49 3.07
N ALA C 182 -45.02 19.57 3.87
CA ALA C 182 -45.57 20.85 3.49
C ALA C 182 -44.71 21.40 2.36
N GLU C 183 -45.26 22.27 1.52
CA GLU C 183 -44.51 22.66 0.33
C GLU C 183 -43.09 23.07 0.63
N SER C 184 -42.17 22.72 -0.27
CA SER C 184 -40.79 23.18 -0.10
C SER C 184 -39.94 22.74 -1.29
N SER C 185 -38.70 23.18 -1.35
CA SER C 185 -37.89 22.83 -2.47
C SER C 185 -36.66 22.16 -1.92
N LEU C 186 -35.88 21.57 -2.83
CA LEU C 186 -34.60 20.98 -2.48
C LEU C 186 -33.57 22.05 -2.16
N LEU C 187 -33.57 23.20 -2.85
CA LEU C 187 -32.61 24.27 -2.48
C LEU C 187 -32.86 24.74 -1.05
N ASP C 188 -34.10 24.67 -0.57
CA ASP C 188 -34.41 25.01 0.84
C ASP C 188 -33.50 24.19 1.78
N LEU C 189 -33.12 22.99 1.37
CA LEU C 189 -32.37 22.10 2.24
C LEU C 189 -30.86 22.34 2.20
N LEU C 190 -30.42 23.12 1.24
CA LEU C 190 -29.02 23.19 0.93
C LEU C 190 -28.45 24.59 1.21
N PRO C 191 -27.09 24.69 1.21
CA PRO C 191 -26.39 25.95 1.32
C PRO C 191 -26.81 26.68 0.04
N LYS C 192 -26.55 27.99 0.02
CA LYS C 192 -26.71 28.81 -1.17
C LYS C 192 -25.95 28.26 -2.35
N GLU C 193 -26.51 28.42 -3.51
CA GLU C 193 -25.94 27.77 -4.65
C GLU C 193 -24.52 28.25 -4.87
N GLU C 194 -24.32 29.55 -4.62
CA GLU C 194 -23.08 30.20 -5.02
C GLU C 194 -21.94 29.71 -4.08
N LYS C 195 -22.34 29.03 -2.99
CA LYS C 195 -21.39 28.43 -2.04
C LYS C 195 -21.07 26.95 -2.27
N LEU C 196 -21.61 26.34 -3.32
CA LEU C 196 -21.37 24.94 -3.72
C LEU C 196 -20.37 24.76 -4.87
N ARG C 197 -19.58 25.80 -5.24
CA ARG C 197 -18.46 25.59 -6.15
C ARG C 197 -17.32 24.72 -5.61
N HIS C 198 -17.10 24.72 -4.30
CA HIS C 198 -16.02 23.92 -3.73
C HIS C 198 -16.49 22.53 -3.30
N TYR C 199 -15.95 21.45 -3.90
CA TYR C 199 -16.38 20.14 -3.48
C TYR C 199 -15.30 19.15 -3.70
N PHE C 200 -15.47 18.00 -3.04
CA PHE C 200 -14.48 16.91 -3.11
C PHE C 200 -15.10 15.84 -3.93
N ARG C 201 -14.29 15.05 -4.66
CA ARG C 201 -14.75 14.06 -5.63
C ARG C 201 -13.95 12.79 -5.54
N TYR C 202 -14.62 11.64 -5.43
CA TYR C 202 -13.86 10.35 -5.49
C TYR C 202 -14.83 9.23 -5.87
N LEU C 203 -14.30 8.05 -6.23
CA LEU C 203 -15.11 6.88 -6.53
C LEU C 203 -15.17 5.89 -5.38
N GLY C 204 -16.36 5.34 -5.12
CA GLY C 204 -16.55 4.41 -3.99
C GLY C 204 -17.90 3.70 -4.10
N SER C 205 -18.51 3.47 -2.93
CA SER C 205 -19.56 2.51 -2.75
C SER C 205 -20.75 3.18 -2.11
N LEU C 206 -21.92 2.52 -2.23
CA LEU C 206 -23.08 2.76 -1.40
C LEU C 206 -22.63 2.49 0.03
N THR C 207 -23.14 3.25 0.98
CA THR C 207 -22.70 3.05 2.39
C THR C 207 -23.61 2.11 3.22
N THR C 208 -24.59 1.49 2.55
CA THR C 208 -25.36 0.44 3.16
C THR C 208 -25.41 -0.78 2.27
N PRO C 209 -25.65 -1.96 2.86
CA PRO C 209 -25.68 -3.18 1.97
C PRO C 209 -26.63 -2.98 0.84
N THR C 210 -26.32 -3.45 -0.36
CA THR C 210 -25.17 -4.31 -0.66
C THR C 210 -23.81 -3.60 -1.02
N CYS C 211 -23.67 -2.33 -0.65
CA CYS C 211 -22.37 -1.64 -0.73
C CYS C 211 -21.83 -1.71 -2.11
N ASP C 212 -22.70 -1.69 -3.10
CA ASP C 212 -22.18 -1.75 -4.48
C ASP C 212 -21.19 -0.66 -4.78
N GLU C 213 -20.14 -1.01 -5.52
CA GLU C 213 -19.09 -0.10 -5.88
C GLU C 213 -19.40 0.56 -7.22
N LYS C 214 -20.43 1.41 -7.22
CA LYS C 214 -20.83 2.03 -8.44
C LYS C 214 -21.17 3.52 -8.22
N VAL C 215 -20.60 4.14 -7.18
CA VAL C 215 -20.99 5.53 -6.84
C VAL C 215 -19.86 6.49 -7.21
N VAL C 216 -20.17 7.58 -7.92
CA VAL C 216 -19.30 8.73 -7.96
C VAL C 216 -19.77 9.71 -6.86
N TRP C 217 -18.87 9.94 -5.92
CA TRP C 217 -19.12 10.77 -4.73
C TRP C 217 -18.79 12.25 -4.94
N THR C 218 -19.65 13.10 -4.41
CA THR C 218 -19.36 14.50 -4.22
C THR C 218 -19.58 14.91 -2.76
N VAL C 219 -18.58 15.47 -2.10
CA VAL C 219 -18.81 15.96 -0.75
C VAL C 219 -18.55 17.44 -0.82
N PHE C 220 -19.59 18.25 -0.54
CA PHE C 220 -19.46 19.67 -0.58
C PHE C 220 -18.67 20.24 0.62
N ARG C 221 -17.77 21.20 0.39
CA ARG C 221 -17.03 21.85 1.47
C ARG C 221 -17.93 22.69 2.44
N GLU C 222 -18.97 23.33 1.95
CA GLU C 222 -19.73 24.27 2.78
C GLU C 222 -20.74 23.51 3.56
N PRO C 223 -20.74 23.63 4.89
CA PRO C 223 -21.75 22.86 5.65
C PRO C 223 -23.12 23.48 5.59
N ILE C 224 -24.14 22.69 5.84
CA ILE C 224 -25.47 23.22 6.09
C ILE C 224 -25.52 23.57 7.58
N GLN C 225 -26.10 24.72 7.92
CA GLN C 225 -26.31 25.08 9.34
C GLN C 225 -27.71 24.70 9.80
N LEU C 226 -27.84 23.90 10.87
CA LEU C 226 -29.15 23.55 11.50
C LEU C 226 -29.03 23.84 12.99
N HIS C 227 -30.13 24.27 13.58
CA HIS C 227 -30.17 24.49 15.01
C HIS C 227 -29.91 23.15 15.71
N ARG C 228 -29.25 23.18 16.84
CA ARG C 228 -29.03 21.93 17.60
C ARG C 228 -30.28 21.14 17.79
N GLU C 229 -31.35 21.85 18.13
CA GLU C 229 -32.66 21.20 18.37
C GLU C 229 -33.39 20.72 17.13
N GLN C 230 -33.02 21.25 15.99
CA GLN C 230 -33.55 20.69 14.75
C GLN C 230 -32.82 19.36 14.41
N ILE C 231 -31.55 19.29 14.74
CA ILE C 231 -30.81 18.02 14.61
C ILE C 231 -31.32 17.03 15.63
N LEU C 232 -31.51 17.45 16.88
CA LEU C 232 -32.11 16.53 17.92
C LEU C 232 -33.49 15.95 17.59
N ALA C 233 -34.28 16.72 16.81
CA ALA C 233 -35.55 16.26 16.32
C ALA C 233 -35.46 14.89 15.66
N PHE C 234 -34.38 14.63 14.97
CA PHE C 234 -34.28 13.40 14.26
C PHE C 234 -34.20 12.21 15.21
N SER C 235 -33.30 12.23 16.18
CA SER C 235 -33.31 11.11 17.13
C SER C 235 -34.48 11.20 18.17
N GLN C 236 -35.11 12.36 18.30
CA GLN C 236 -36.22 12.45 19.27
C GLN C 236 -37.52 11.92 18.66
N LYS C 237 -37.66 12.05 17.35
CA LYS C 237 -38.88 11.63 16.75
C LYS C 237 -38.93 10.27 16.06
N LEU C 238 -37.79 9.69 15.74
CA LEU C 238 -37.78 8.53 14.88
C LEU C 238 -37.29 7.31 15.62
N TYR C 239 -37.76 6.14 15.19
CA TYR C 239 -37.22 4.90 15.70
C TYR C 239 -36.80 3.98 14.57
N TYR C 240 -35.83 3.13 14.88
CA TYR C 240 -35.48 1.99 14.06
C TYR C 240 -36.58 0.93 13.96
N ASP C 241 -37.31 0.64 15.05
CA ASP C 241 -38.26 -0.47 15.03
C ASP C 241 -39.70 -0.08 15.29
N LYS C 242 -40.63 -0.89 14.82
CA LYS C 242 -42.07 -0.67 15.08
C LYS C 242 -42.48 -0.85 16.55
N GLU C 243 -41.74 -1.33 17.61
CA GLU C 243 -41.66 -1.38 19.07
C GLU C 243 -41.07 -0.11 19.69
N GLN C 244 -40.46 0.72 18.86
CA GLN C 244 -39.80 1.95 19.37
C GLN C 244 -38.95 1.69 20.54
N THR C 245 -38.06 0.72 20.45
CA THR C 245 -37.18 0.46 21.54
C THR C 245 -35.82 1.10 21.31
N VAL C 246 -35.50 1.44 20.06
CA VAL C 246 -34.22 2.11 19.80
C VAL C 246 -34.50 3.37 18.97
N SER C 247 -34.18 4.53 19.53
CA SER C 247 -34.40 5.75 18.82
C SER C 247 -33.43 5.75 17.65
N MET C 248 -33.87 6.28 16.54
CA MET C 248 -33.00 6.29 15.35
C MET C 248 -31.93 7.32 15.41
N LYS C 249 -30.69 6.85 15.53
CA LYS C 249 -29.50 7.72 15.51
C LYS C 249 -28.28 6.80 15.36
N ASP C 250 -27.13 7.41 15.15
CA ASP C 250 -25.90 6.71 14.80
C ASP C 250 -26.11 5.73 13.68
N ASN C 251 -26.93 6.15 12.71
CA ASN C 251 -27.18 5.32 11.56
C ASN C 251 -26.01 5.60 10.55
N VAL C 252 -24.81 5.25 10.99
CA VAL C 252 -23.59 5.75 10.39
C VAL C 252 -22.66 4.51 10.12
N ARG C 253 -22.26 4.29 8.87
CA ARG C 253 -21.23 3.28 8.62
C ARG C 253 -19.83 3.74 9.08
N PRO C 254 -19.05 2.87 9.81
CA PRO C 254 -17.65 3.24 10.05
C PRO C 254 -16.83 3.52 8.81
N LEU C 255 -15.72 4.24 8.98
CA LEU C 255 -14.87 4.75 7.89
C LEU C 255 -14.08 3.62 7.24
N GLN C 256 -13.99 3.64 5.93
CA GLN C 256 -13.33 2.62 5.20
C GLN C 256 -11.96 3.18 4.72
N GLN C 257 -11.08 2.28 4.27
CA GLN C 257 -9.76 2.63 3.77
C GLN C 257 -9.78 3.14 2.33
N LEU C 258 -9.05 4.22 2.06
CA LEU C 258 -9.00 4.81 0.74
C LEU C 258 -8.28 3.81 -0.20
N GLY C 259 -7.31 3.09 0.38
CA GLY C 259 -6.45 2.21 -0.39
C GLY C 259 -5.74 3.07 -1.45
N GLN C 260 -5.67 2.55 -2.65
CA GLN C 260 -4.90 3.14 -3.69
C GLN C 260 -5.67 4.21 -4.54
N ARG C 261 -6.92 4.50 -4.16
CA ARG C 261 -7.74 5.58 -4.79
C ARG C 261 -7.18 6.94 -4.45
N THR C 262 -7.52 7.94 -5.25
CA THR C 262 -7.20 9.30 -4.90
C THR C 262 -8.50 10.15 -4.81
N VAL C 263 -8.46 11.17 -3.98
CA VAL C 263 -9.48 12.16 -3.90
C VAL C 263 -9.08 13.47 -4.62
N ILE C 264 -9.99 14.01 -5.45
CA ILE C 264 -9.83 15.31 -6.05
C ILE C 264 -10.82 16.37 -5.58
N LYS C 265 -10.58 17.61 -6.03
CA LYS C 265 -11.40 18.72 -5.57
C LYS C 265 -11.44 19.80 -6.63
N SER C 266 -12.50 20.57 -6.62
CA SER C 266 -12.67 21.62 -7.59
C SER C 266 -11.75 22.83 -7.29
N TRP D 5 26.38 6.45 -3.45
CA TRP D 5 25.48 5.39 -4.08
C TRP D 5 26.12 4.39 -5.03
N CYS D 6 25.55 3.19 -5.07
CA CYS D 6 26.05 2.19 -5.96
C CYS D 6 24.96 1.16 -6.27
N TYR D 7 25.25 0.24 -7.20
CA TYR D 7 24.32 -0.90 -7.47
C TYR D 7 24.76 -2.10 -6.64
N GLU D 8 23.87 -3.07 -6.45
CA GLU D 8 24.15 -4.20 -5.60
C GLU D 8 25.43 -4.91 -6.00
N VAL D 9 25.63 -5.03 -7.31
CA VAL D 9 26.81 -5.77 -7.73
C VAL D 9 28.12 -5.08 -7.28
N GLN D 10 28.13 -3.76 -7.07
CA GLN D 10 29.39 -3.09 -6.72
C GLN D 10 29.70 -3.39 -5.26
N ALA D 11 28.68 -3.43 -4.41
CA ALA D 11 28.96 -3.75 -3.01
C ALA D 11 29.42 -5.18 -2.87
N GLU D 12 28.93 -6.05 -3.72
CA GLU D 12 29.29 -7.45 -3.62
C GLU D 12 30.76 -7.69 -3.91
N SER D 13 31.43 -6.64 -4.40
CA SER D 13 32.90 -6.61 -4.46
C SER D 13 33.51 -5.36 -3.84
N CYS D 18 29.90 1.15 0.06
CA CYS D 18 28.82 1.98 -0.65
C CYS D 18 27.31 1.82 -0.25
N LEU D 19 26.44 2.69 -0.83
CA LEU D 19 24.97 2.66 -0.51
C LEU D 19 24.19 1.92 -1.58
N VAL D 20 23.72 0.73 -1.26
CA VAL D 20 23.01 -0.09 -2.22
C VAL D 20 21.60 0.43 -2.49
N PRO D 21 21.00 -0.02 -3.61
CA PRO D 21 19.72 0.54 -4.10
C PRO D 21 18.60 0.48 -3.09
N VAL D 22 18.45 -0.62 -2.33
CA VAL D 22 17.33 -0.74 -1.40
C VAL D 22 17.46 0.31 -0.23
N LYS D 23 18.61 0.91 -0.09
CA LYS D 23 18.85 1.86 0.95
C LYS D 23 18.98 3.27 0.39
N TRP D 24 18.90 3.41 -0.92
CA TRP D 24 19.00 4.75 -1.45
C TRP D 24 18.02 5.62 -0.67
N GLY D 25 18.44 7.01 -0.29
CA GLY D 25 17.43 7.86 0.44
C GLY D 25 16.89 9.03 -0.38
N GLY D 26 16.38 10.08 0.29
CA GLY D 26 15.98 11.30 -0.42
C GLY D 26 14.76 10.89 -1.18
N ASN D 27 14.58 11.47 -2.37
CA ASN D 27 13.40 11.19 -3.16
C ASN D 27 13.17 9.70 -3.55
N CYS D 28 14.22 8.89 -3.48
CA CYS D 28 14.11 7.45 -3.69
C CYS D 28 13.10 6.75 -2.83
N GLN D 29 12.78 7.35 -1.70
CA GLN D 29 11.83 6.85 -0.68
C GLN D 29 10.37 7.12 -1.08
N LYS D 30 10.10 7.75 -2.23
CA LYS D 30 8.70 8.18 -2.49
C LYS D 30 7.91 7.11 -3.19
N ASP D 31 6.67 7.44 -3.54
CA ASP D 31 5.59 6.54 -3.89
C ASP D 31 5.41 6.47 -5.39
N ARG D 32 6.17 7.28 -6.13
CA ARG D 32 6.05 7.23 -7.63
C ARG D 32 7.36 6.97 -8.36
N GLN D 33 8.00 5.87 -7.99
CA GLN D 33 9.29 5.52 -8.52
C GLN D 33 9.32 4.61 -9.74
N SER D 34 10.51 4.53 -10.38
CA SER D 34 10.79 3.76 -11.57
C SER D 34 12.08 2.95 -11.35
N PRO D 35 12.23 1.80 -12.03
CA PRO D 35 11.36 1.22 -13.01
C PRO D 35 10.25 0.38 -12.35
N ILE D 36 9.36 -0.12 -13.21
CA ILE D 36 8.23 -0.95 -12.84
C ILE D 36 8.11 -2.12 -13.75
N ASN D 37 7.36 -3.09 -13.25
CA ASN D 37 6.93 -4.14 -14.13
C ASN D 37 5.61 -3.74 -14.85
N ILE D 38 5.53 -3.88 -16.16
CA ILE D 38 4.30 -3.45 -16.81
C ILE D 38 3.49 -4.67 -17.20
N VAL D 39 2.31 -4.83 -16.58
CA VAL D 39 1.37 -5.92 -16.94
C VAL D 39 0.65 -5.47 -18.22
N THR D 40 1.02 -6.02 -19.37
CA THR D 40 0.60 -5.41 -20.64
C THR D 40 -0.91 -5.39 -20.87
N THR D 41 -1.62 -6.42 -20.34
CA THR D 41 -3.05 -6.49 -20.57
C THR D 41 -3.81 -5.63 -19.58
N LYS D 42 -3.13 -5.09 -18.58
CA LYS D 42 -3.74 -4.13 -17.66
C LYS D 42 -3.54 -2.68 -18.13
N ALA D 43 -2.75 -2.46 -19.18
CA ALA D 43 -2.55 -1.11 -19.63
C ALA D 43 -3.63 -0.80 -20.66
N LYS D 44 -4.38 0.26 -20.39
CA LYS D 44 -5.51 0.68 -21.25
C LYS D 44 -5.06 1.49 -22.46
N VAL D 45 -5.71 1.29 -23.59
CA VAL D 45 -5.36 2.03 -24.75
C VAL D 45 -5.80 3.46 -24.54
N ASP D 46 -4.99 4.42 -24.99
CA ASP D 46 -5.39 5.84 -24.92
C ASP D 46 -5.04 6.51 -26.26
N LYS D 47 -6.07 6.82 -27.05
CA LYS D 47 -5.82 7.39 -28.39
C LYS D 47 -5.25 8.79 -28.40
N LYS D 48 -5.19 9.48 -27.26
CA LYS D 48 -4.33 10.69 -27.19
C LYS D 48 -2.81 10.42 -27.40
N LEU D 49 -2.42 9.17 -27.27
CA LEU D 49 -1.01 8.82 -27.38
C LEU D 49 -0.63 8.60 -28.85
N GLY D 50 -0.29 9.69 -29.53
CA GLY D 50 -0.03 9.68 -30.97
C GLY D 50 1.43 9.46 -31.33
N ARG D 51 1.69 9.47 -32.62
CA ARG D 51 3.01 9.16 -33.06
C ARG D 51 3.94 10.19 -32.50
N PHE D 52 5.20 9.80 -32.31
CA PHE D 52 6.23 10.77 -31.99
C PHE D 52 6.67 11.53 -33.22
N PHE D 53 7.13 12.77 -33.03
CA PHE D 53 7.91 13.44 -34.08
C PHE D 53 9.32 13.64 -33.61
N PHE D 54 10.30 13.08 -34.37
CA PHE D 54 11.68 13.19 -34.02
C PHE D 54 12.36 14.28 -34.85
N SER D 55 13.26 15.05 -34.26
CA SER D 55 14.05 15.99 -35.04
C SER D 55 15.53 15.84 -34.65
N GLY D 56 16.41 15.71 -35.65
CA GLY D 56 17.86 15.69 -35.42
C GLY D 56 18.28 14.26 -35.07
N TYR D 57 17.36 13.30 -35.07
CA TYR D 57 17.69 11.89 -34.91
C TYR D 57 18.24 11.26 -36.20
N ASP D 58 17.97 11.89 -37.36
CA ASP D 58 18.31 11.37 -38.67
C ASP D 58 19.74 11.72 -39.08
N LYS D 59 20.31 12.74 -38.44
CA LYS D 59 21.53 13.34 -38.88
C LYS D 59 22.74 12.59 -38.32
N LYS D 60 23.72 12.36 -39.18
CA LYS D 60 25.01 11.71 -38.82
C LYS D 60 25.86 12.71 -38.01
N GLN D 61 26.33 12.33 -36.83
CA GLN D 61 27.12 13.23 -35.97
C GLN D 61 28.39 12.50 -35.48
N THR D 62 29.42 13.20 -35.04
CA THR D 62 30.34 12.47 -34.19
C THR D 62 30.10 12.79 -32.71
N TRP D 63 29.47 11.85 -32.04
CA TRP D 63 29.07 12.07 -30.63
C TRP D 63 30.23 11.87 -29.65
N THR D 64 30.23 12.67 -28.59
CA THR D 64 31.13 12.45 -27.45
C THR D 64 30.48 11.38 -26.57
N VAL D 65 31.23 10.36 -26.18
CA VAL D 65 30.74 9.36 -25.27
C VAL D 65 31.72 9.09 -24.13
N GLN D 66 31.17 8.86 -22.93
CA GLN D 66 31.94 8.67 -21.78
C GLN D 66 31.40 7.64 -20.77
N ASN D 67 32.33 7.10 -19.98
CA ASN D 67 32.04 6.21 -18.86
C ASN D 67 31.95 7.12 -17.62
N ASN D 68 30.78 7.12 -17.01
CA ASN D 68 30.61 7.98 -15.81
C ASN D 68 30.64 7.19 -14.47
N GLY D 69 31.06 5.93 -14.52
CA GLY D 69 31.10 5.16 -13.30
C GLY D 69 29.84 4.33 -13.10
N HIS D 70 28.79 4.63 -13.87
CA HIS D 70 27.49 4.01 -13.64
C HIS D 70 26.93 3.44 -14.92
N SER D 71 27.35 4.02 -16.05
CA SER D 71 26.89 3.58 -17.37
C SER D 71 27.83 4.12 -18.47
N VAL D 72 27.54 3.82 -19.73
CA VAL D 72 28.11 4.60 -20.86
C VAL D 72 27.03 5.64 -21.38
N MET D 73 27.42 6.89 -21.65
CA MET D 73 26.48 7.96 -21.94
C MET D 73 27.00 8.76 -23.12
N MET D 74 26.22 8.83 -24.20
CA MET D 74 26.50 9.76 -25.31
C MET D 74 25.94 11.14 -24.94
N LEU D 75 26.72 12.21 -25.11
CA LEU D 75 26.25 13.55 -24.81
C LEU D 75 25.51 14.07 -26.05
N LEU D 76 24.25 14.42 -25.89
CA LEU D 76 23.46 14.68 -27.07
C LEU D 76 23.23 16.19 -27.26
N GLU D 77 23.52 16.94 -26.19
CA GLU D 77 23.54 18.41 -26.15
C GLU D 77 22.68 19.20 -27.13
N ASN D 78 21.39 18.96 -27.07
CA ASN D 78 20.40 19.70 -27.85
C ASN D 78 20.88 20.03 -29.26
N LYS D 79 21.49 18.72 -29.70
CA LYS D 79 21.56 18.21 -31.11
C LYS D 79 20.28 17.55 -31.59
N ALA D 80 19.38 17.21 -30.67
CA ALA D 80 18.16 16.52 -31.10
C ALA D 80 17.00 16.78 -30.16
N SER D 81 15.77 16.52 -30.61
CA SER D 81 14.60 16.86 -29.80
C SER D 81 13.38 16.05 -30.25
N ILE D 82 12.30 16.05 -29.48
CA ILE D 82 11.14 15.30 -29.88
C ILE D 82 9.90 16.09 -29.57
N SER D 83 8.82 15.73 -30.24
CA SER D 83 7.51 16.24 -29.87
C SER D 83 6.48 15.15 -30.24
N GLY D 84 5.20 15.45 -30.02
CA GLY D 84 4.14 14.46 -30.19
C GLY D 84 4.21 13.39 -29.06
N GLY D 85 3.83 12.15 -29.38
CA GLY D 85 3.89 11.05 -28.39
C GLY D 85 3.06 11.35 -27.16
N GLY D 86 1.90 12.00 -27.36
CA GLY D 86 1.12 12.50 -26.21
C GLY D 86 1.82 13.44 -25.23
N LEU D 87 2.97 14.02 -25.62
CA LEU D 87 3.67 14.97 -24.68
C LEU D 87 3.04 16.36 -24.75
N PRO D 88 3.12 17.12 -23.65
CA PRO D 88 2.46 18.42 -23.63
C PRO D 88 3.33 19.52 -24.23
N ALA D 89 4.56 19.19 -24.64
CA ALA D 89 5.50 20.22 -25.08
C ALA D 89 6.62 19.52 -25.82
N PRO D 90 7.39 20.25 -26.61
CA PRO D 90 8.62 19.62 -27.09
C PRO D 90 9.68 19.41 -25.98
N TYR D 91 10.61 18.48 -26.23
CA TYR D 91 11.61 18.15 -25.21
C TYR D 91 12.89 18.01 -25.90
N GLN D 92 13.93 18.60 -25.35
CA GLN D 92 15.23 18.51 -26.00
C GLN D 92 16.09 17.33 -25.46
N ALA D 93 16.75 16.62 -26.38
CA ALA D 93 17.64 15.48 -26.05
C ALA D 93 18.88 15.92 -25.29
N LYS D 94 19.10 15.31 -24.13
CA LYS D 94 20.29 15.62 -23.35
C LYS D 94 21.41 14.53 -23.41
N GLN D 95 21.05 13.27 -23.24
CA GLN D 95 22.05 12.20 -23.23
C GLN D 95 21.38 10.89 -23.49
N LEU D 96 22.17 9.87 -23.83
CA LEU D 96 21.59 8.54 -24.08
C LEU D 96 22.50 7.63 -23.35
N HIS D 97 21.97 6.68 -22.59
CA HIS D 97 22.85 5.80 -21.84
C HIS D 97 22.19 4.39 -21.78
N LEU D 98 22.87 3.39 -21.18
CA LEU D 98 22.27 2.03 -21.15
C LEU D 98 22.42 1.36 -19.80
N HIS D 99 21.60 0.36 -19.61
CA HIS D 99 21.67 -0.55 -18.42
C HIS D 99 21.68 -1.97 -19.03
N TRP D 100 22.44 -2.88 -18.50
CA TRP D 100 22.55 -4.20 -19.15
C TRP D 100 23.11 -5.25 -18.13
N SER D 101 23.07 -6.52 -18.54
CA SER D 101 23.71 -7.56 -17.72
C SER D 101 24.59 -8.36 -18.65
N ASP D 102 24.91 -9.60 -18.27
CA ASP D 102 25.60 -10.45 -19.21
C ASP D 102 24.85 -11.78 -19.44
N LEU D 103 23.60 -11.89 -19.00
CA LEU D 103 22.81 -13.06 -19.27
C LEU D 103 21.57 -12.59 -20.00
N PRO D 104 21.03 -13.42 -20.91
CA PRO D 104 19.98 -12.90 -21.81
C PRO D 104 18.69 -12.53 -21.14
N TYR D 105 18.42 -13.09 -19.98
CA TYR D 105 17.16 -12.80 -19.33
C TYR D 105 17.16 -11.70 -18.24
N LYS D 106 18.12 -10.76 -18.15
CA LYS D 106 18.43 -10.09 -16.81
C LYS D 106 18.90 -8.61 -16.83
N GLY D 107 18.92 -7.89 -17.92
CA GLY D 107 19.58 -6.54 -17.78
C GLY D 107 18.81 -5.25 -18.05
N SER D 108 17.53 -5.38 -18.35
CA SER D 108 16.69 -4.19 -18.59
C SER D 108 16.26 -3.65 -17.19
N GLU D 109 15.81 -2.39 -17.13
CA GLU D 109 15.28 -1.91 -15.83
C GLU D 109 13.84 -2.27 -15.70
N HIS D 110 13.05 -1.94 -16.74
CA HIS D 110 11.64 -2.35 -16.82
C HIS D 110 11.44 -3.81 -17.22
N SER D 111 10.29 -4.39 -16.87
CA SER D 111 9.97 -5.70 -17.37
C SER D 111 8.60 -5.62 -17.97
N LEU D 112 8.34 -6.41 -19.00
CA LEU D 112 6.97 -6.55 -19.56
C LEU D 112 6.40 -7.91 -19.16
N ASP D 113 5.35 -7.93 -18.32
CA ASP D 113 4.74 -9.18 -17.87
C ASP D 113 5.75 -10.13 -17.21
N GLY D 114 6.73 -9.54 -16.52
CA GLY D 114 7.70 -10.32 -15.77
C GLY D 114 8.95 -10.65 -16.57
N GLU D 115 8.92 -10.31 -17.85
CA GLU D 115 10.07 -10.63 -18.71
C GLU D 115 10.99 -9.45 -18.83
N HIS D 116 12.24 -9.68 -18.41
CA HIS D 116 13.25 -8.72 -18.50
C HIS D 116 13.96 -8.93 -19.82
N PHE D 117 14.67 -7.91 -20.33
CA PHE D 117 15.43 -8.05 -21.56
C PHE D 117 16.91 -7.87 -21.26
N ALA D 118 17.70 -8.01 -22.30
CA ALA D 118 19.12 -8.14 -22.02
C ALA D 118 19.75 -6.78 -21.78
N MET D 119 19.22 -5.69 -22.40
CA MET D 119 19.67 -4.36 -22.06
C MET D 119 18.44 -3.43 -22.09
N GLU D 120 18.61 -2.20 -21.60
CA GLU D 120 17.57 -1.15 -21.75
C GLU D 120 18.28 0.12 -22.10
N MET D 121 17.87 0.77 -23.18
CA MET D 121 18.47 2.03 -23.59
C MET D 121 17.54 3.17 -23.18
N HIS D 122 18.10 4.24 -22.61
CA HIS D 122 17.35 5.42 -22.11
C HIS D 122 17.83 6.66 -22.86
N ILE D 123 16.92 7.35 -23.56
CA ILE D 123 17.29 8.67 -24.17
C ILE D 123 16.56 9.76 -23.37
N VAL D 124 17.34 10.52 -22.65
CA VAL D 124 16.86 11.33 -21.56
C VAL D 124 16.69 12.78 -22.17
N HIS D 125 15.47 13.34 -22.10
CA HIS D 125 15.18 14.66 -22.69
C HIS D 125 14.66 15.66 -21.61
N GLU D 126 14.75 16.98 -21.83
CA GLU D 126 14.29 17.94 -20.84
C GLU D 126 13.21 18.80 -21.52
N LYS D 127 12.16 19.12 -20.77
CA LYS D 127 10.94 19.72 -21.31
C LYS D 127 11.29 21.18 -21.65
N GLU D 128 10.89 21.66 -22.83
CA GLU D 128 10.96 23.13 -23.11
C GLU D 128 9.84 23.96 -22.38
N LYS D 129 10.14 24.57 -21.22
CA LYS D 129 9.11 25.29 -20.44
C LYS D 129 8.91 26.70 -20.93
N PRO D 141 8.23 19.97 -11.73
CA PRO D 141 7.11 19.61 -12.64
C PRO D 141 7.18 18.10 -12.92
N GLU D 142 6.05 17.37 -12.83
CA GLU D 142 6.07 15.91 -12.93
C GLU D 142 6.46 15.30 -14.27
N ASP D 143 6.58 16.14 -15.30
CA ASP D 143 6.94 15.70 -16.64
C ASP D 143 8.09 16.59 -17.22
N GLU D 144 8.88 17.19 -16.34
CA GLU D 144 10.08 17.94 -16.62
C GLU D 144 11.03 17.14 -17.52
N ILE D 145 11.07 15.80 -17.31
CA ILE D 145 12.02 14.95 -18.01
C ILE D 145 11.24 13.95 -18.81
N ALA D 146 11.56 13.74 -20.10
CA ALA D 146 10.88 12.67 -20.78
C ALA D 146 11.94 11.64 -21.11
N VAL D 147 11.74 10.40 -20.68
CA VAL D 147 12.72 9.40 -21.04
C VAL D 147 12.12 8.43 -22.05
N LEU D 148 12.85 8.25 -23.15
CA LEU D 148 12.49 7.27 -24.18
C LEU D 148 13.33 5.98 -23.84
N ALA D 149 12.61 4.90 -23.53
CA ALA D 149 13.20 3.64 -23.17
C ALA D 149 13.03 2.63 -24.27
N PHE D 150 14.15 2.02 -24.66
CA PHE D 150 14.09 0.96 -25.61
C PHE D 150 14.69 -0.32 -25.01
N LEU D 151 14.02 -1.43 -25.28
CA LEU D 151 14.38 -2.78 -24.76
C LEU D 151 15.25 -3.47 -25.80
N VAL D 152 16.29 -4.17 -25.37
CA VAL D 152 17.21 -4.77 -26.30
C VAL D 152 17.25 -6.30 -26.00
N GLU D 153 17.09 -7.09 -27.04
CA GLU D 153 17.24 -8.54 -26.95
C GLU D 153 18.26 -9.04 -27.99
N ALA D 154 18.76 -10.25 -27.81
CA ALA D 154 19.66 -10.84 -28.80
C ALA D 154 18.98 -11.21 -30.12
N GLY D 155 19.61 -10.84 -31.26
CA GLY D 155 19.34 -11.43 -32.60
C GLY D 155 20.53 -12.25 -33.15
N THR D 156 20.35 -12.92 -34.27
CA THR D 156 21.43 -13.78 -34.76
C THR D 156 22.36 -12.96 -35.62
N GLN D 157 21.97 -11.74 -35.98
CA GLN D 157 22.75 -10.87 -36.85
C GLN D 157 23.37 -9.69 -36.07
N VAL D 158 24.55 -9.24 -36.53
CA VAL D 158 25.13 -7.98 -36.05
C VAL D 158 24.30 -6.77 -36.42
N ASN D 159 24.06 -5.92 -35.42
CA ASN D 159 23.37 -4.64 -35.67
C ASN D 159 24.38 -3.58 -36.13
N GLU D 160 24.45 -3.37 -37.44
CA GLU D 160 25.45 -2.45 -37.97
C GLU D 160 25.34 -1.02 -37.44
N GLY D 161 24.13 -0.55 -37.14
CA GLY D 161 23.94 0.81 -36.58
C GLY D 161 24.58 1.04 -35.20
N PHE D 162 24.65 -0.01 -34.37
CA PHE D 162 25.35 0.08 -33.06
C PHE D 162 26.85 -0.03 -33.13
N GLN D 163 27.42 -0.30 -34.29
CA GLN D 163 28.83 -0.61 -34.30
C GLN D 163 29.72 0.58 -33.89
N PRO D 164 29.41 1.79 -34.35
CA PRO D 164 30.21 2.92 -33.81
C PRO D 164 30.19 3.03 -32.25
N LEU D 165 29.04 2.84 -31.62
CA LEU D 165 29.05 2.81 -30.16
C LEU D 165 29.91 1.68 -29.60
N VAL D 166 29.72 0.47 -30.12
CA VAL D 166 30.40 -0.69 -29.54
C VAL D 166 31.87 -0.48 -29.67
N GLU D 167 32.30 0.08 -30.80
CA GLU D 167 33.71 0.26 -30.99
C GLU D 167 34.27 1.36 -30.09
N ALA D 168 33.51 2.41 -29.80
CA ALA D 168 34.05 3.43 -28.91
C ALA D 168 34.36 2.93 -27.50
N LEU D 169 33.68 1.86 -27.08
CA LEU D 169 33.74 1.46 -25.65
C LEU D 169 35.16 1.21 -25.23
N SER D 170 35.95 0.65 -26.12
CA SER D 170 37.28 0.22 -25.65
C SER D 170 38.13 1.46 -25.37
N ASN D 171 37.67 2.65 -25.73
CA ASN D 171 38.49 3.80 -25.37
C ASN D 171 38.13 4.44 -24.07
N ILE D 172 37.05 3.96 -23.42
CA ILE D 172 36.62 4.59 -22.18
C ILE D 172 36.41 3.45 -21.12
N PRO D 173 37.42 2.63 -20.93
CA PRO D 173 37.22 1.52 -20.06
C PRO D 173 36.92 1.95 -18.64
N LYS D 174 37.44 3.08 -18.20
CA LYS D 174 37.29 3.45 -16.78
C LYS D 174 36.54 4.75 -16.60
N PRO D 175 35.87 4.94 -15.43
CA PRO D 175 35.20 6.23 -15.19
C PRO D 175 36.06 7.48 -15.40
N GLU D 176 35.41 8.54 -15.86
CA GLU D 176 36.06 9.78 -16.24
C GLU D 176 36.80 9.76 -17.56
N MET D 177 36.64 8.73 -18.35
CA MET D 177 37.26 8.73 -19.69
C MET D 177 36.21 9.04 -20.70
N SER D 178 36.59 9.69 -21.82
CA SER D 178 35.62 10.22 -22.77
C SER D 178 36.21 10.02 -24.14
N THR D 179 35.38 9.89 -25.16
CA THR D 179 35.90 9.67 -26.49
C THR D 179 34.89 10.11 -27.50
N THR D 180 35.27 10.07 -28.77
CA THR D 180 34.43 10.48 -29.82
C THR D 180 34.05 9.29 -30.64
N MET D 181 32.77 9.14 -30.95
CA MET D 181 32.33 8.06 -31.82
C MET D 181 32.43 8.37 -33.30
N ALA D 182 32.59 7.31 -34.08
CA ALA D 182 32.52 7.34 -35.53
C ALA D 182 31.22 7.97 -35.94
N GLU D 183 31.14 8.59 -37.13
CA GLU D 183 29.85 9.16 -37.60
C GLU D 183 28.64 8.19 -37.41
N SER D 184 27.55 8.67 -36.80
CA SER D 184 26.30 7.89 -36.73
C SER D 184 25.13 8.77 -36.47
N SER D 185 23.91 8.25 -36.60
CA SER D 185 22.73 9.02 -36.21
C SER D 185 22.09 8.33 -35.00
N LEU D 186 21.12 9.01 -34.38
CA LEU D 186 20.34 8.38 -33.34
C LEU D 186 19.49 7.25 -33.91
N LEU D 187 18.93 7.46 -35.08
CA LEU D 187 18.04 6.48 -35.70
C LEU D 187 18.72 5.13 -35.97
N ASP D 188 20.02 5.18 -36.19
CA ASP D 188 20.86 3.99 -36.38
C ASP D 188 20.73 2.97 -35.25
N LEU D 189 20.64 3.49 -34.02
CA LEU D 189 20.55 2.68 -32.80
C LEU D 189 19.16 2.09 -32.51
N LEU D 190 18.14 2.60 -33.17
CA LEU D 190 16.77 2.35 -32.82
C LEU D 190 16.02 1.46 -33.82
N PRO D 191 14.90 0.90 -33.40
CA PRO D 191 14.05 0.21 -34.35
C PRO D 191 13.56 1.21 -35.39
N LYS D 192 13.06 0.65 -36.46
CA LYS D 192 12.59 1.45 -37.54
C LYS D 192 11.49 2.36 -37.04
N GLU D 193 11.42 3.56 -37.59
CA GLU D 193 10.52 4.59 -37.07
C GLU D 193 9.11 4.09 -37.07
N GLU D 194 8.72 3.52 -38.21
CA GLU D 194 7.38 3.00 -38.38
C GLU D 194 7.01 1.95 -37.32
N LYS D 195 7.99 1.33 -36.64
CA LYS D 195 7.67 0.32 -35.61
C LYS D 195 7.61 0.88 -34.17
N LEU D 196 7.71 2.19 -34.03
CA LEU D 196 7.58 2.92 -32.76
C LEU D 196 6.21 3.53 -32.55
N ARG D 197 5.20 3.07 -33.28
CA ARG D 197 3.85 3.57 -32.94
C ARG D 197 3.30 2.99 -31.62
N HIS D 198 3.76 1.78 -31.25
CA HIS D 198 3.20 1.09 -30.04
C HIS D 198 4.11 1.29 -28.87
N TYR D 199 3.55 1.78 -27.80
CA TYR D 199 4.39 2.09 -26.65
C TYR D 199 3.52 2.19 -25.41
N PHE D 200 4.18 2.01 -24.26
CA PHE D 200 3.55 2.18 -22.94
C PHE D 200 3.88 3.55 -22.37
N ARG D 201 3.06 4.13 -21.50
CA ARG D 201 3.37 5.45 -20.95
C ARG D 201 2.93 5.49 -19.47
N TYR D 202 3.76 6.10 -18.61
CA TYR D 202 3.39 6.29 -17.19
C TYR D 202 4.24 7.39 -16.63
N LEU D 203 3.87 7.83 -15.44
CA LEU D 203 4.63 8.88 -14.78
C LEU D 203 5.45 8.23 -13.70
N GLY D 204 6.73 8.59 -13.60
CA GLY D 204 7.52 8.10 -12.44
C GLY D 204 8.79 8.88 -12.22
N SER D 205 9.92 8.20 -12.02
CA SER D 205 11.11 8.84 -11.54
C SER D 205 12.37 8.55 -12.28
N LEU D 206 13.44 9.25 -11.95
CA LEU D 206 14.74 8.86 -12.45
C LEU D 206 15.05 7.51 -11.74
N THR D 207 15.75 6.60 -12.45
CA THR D 207 16.12 5.29 -11.84
C THR D 207 17.47 5.33 -11.16
N THR D 208 18.06 6.49 -11.01
CA THR D 208 19.24 6.66 -10.20
C THR D 208 18.96 7.82 -9.29
N PRO D 209 19.62 7.83 -8.12
CA PRO D 209 19.54 9.05 -7.27
C PRO D 209 19.90 10.32 -8.08
N THR D 210 19.19 11.45 -7.84
CA THR D 210 18.30 11.54 -6.68
C THR D 210 16.85 11.05 -6.86
N CYS D 211 16.59 10.25 -7.91
CA CYS D 211 15.28 9.58 -8.09
C CYS D 211 14.09 10.57 -8.16
N ASP D 212 14.33 11.77 -8.73
CA ASP D 212 13.34 12.81 -8.74
C ASP D 212 12.11 12.29 -9.51
N GLU D 213 10.92 12.55 -8.97
CA GLU D 213 9.66 12.11 -9.57
C GLU D 213 9.18 13.16 -10.57
N LYS D 214 9.90 13.23 -11.67
CA LYS D 214 9.60 14.25 -12.63
C LYS D 214 9.74 13.73 -14.02
N VAL D 215 9.60 12.43 -14.18
CA VAL D 215 9.81 11.83 -15.49
C VAL D 215 8.50 11.33 -16.07
N VAL D 216 8.28 11.68 -17.34
CA VAL D 216 7.27 10.98 -18.10
C VAL D 216 7.97 9.87 -18.89
N TRP D 217 7.50 8.63 -18.59
CA TRP D 217 8.06 7.39 -19.17
C TRP D 217 7.42 7.02 -20.46
N THR D 218 8.25 6.64 -21.43
CA THR D 218 7.82 5.93 -22.61
C THR D 218 8.64 4.67 -22.81
N VAL D 219 7.98 3.50 -22.84
CA VAL D 219 8.65 2.23 -23.09
C VAL D 219 8.11 1.68 -24.41
N PHE D 220 8.96 1.61 -25.41
CA PHE D 220 8.52 1.16 -26.68
C PHE D 220 8.29 -0.34 -26.69
N ARG D 221 7.26 -0.80 -27.38
CA ARG D 221 7.02 -2.23 -27.35
C ARG D 221 8.02 -2.94 -28.30
N GLU D 222 8.52 -2.27 -29.34
CA GLU D 222 9.45 -2.95 -30.30
C GLU D 222 10.85 -2.99 -29.70
N PRO D 223 11.44 -4.19 -29.50
CA PRO D 223 12.84 -4.26 -29.08
C PRO D 223 13.88 -4.01 -30.16
N ILE D 224 15.04 -3.48 -29.78
CA ILE D 224 16.24 -3.37 -30.61
C ILE D 224 16.89 -4.75 -30.60
N GLN D 225 17.33 -5.21 -31.79
CA GLN D 225 18.05 -6.48 -31.89
C GLN D 225 19.54 -6.28 -32.05
N LEU D 226 20.30 -6.93 -31.16
CA LEU D 226 21.76 -6.89 -31.10
C LEU D 226 22.26 -8.34 -31.05
N HIS D 227 23.42 -8.53 -31.62
CA HIS D 227 24.11 -9.79 -31.60
C HIS D 227 24.49 -10.05 -30.17
N ARG D 228 24.34 -11.30 -29.76
CA ARG D 228 24.71 -11.60 -28.39
C ARG D 228 26.05 -10.97 -28.09
N GLU D 229 26.99 -11.00 -29.04
CA GLU D 229 28.35 -10.49 -28.70
C GLU D 229 28.49 -8.98 -28.71
N GLN D 230 27.51 -8.30 -29.27
CA GLN D 230 27.50 -6.84 -29.15
C GLN D 230 27.05 -6.44 -27.73
N ILE D 231 26.05 -7.14 -27.23
CA ILE D 231 25.61 -7.00 -25.83
C ILE D 231 26.80 -7.32 -24.87
N LEU D 232 27.50 -8.42 -25.11
CA LEU D 232 28.56 -8.77 -24.17
C LEU D 232 29.68 -7.77 -24.15
N ALA D 233 29.91 -7.08 -25.29
CA ALA D 233 30.99 -6.11 -25.31
C ALA D 233 30.86 -5.13 -24.25
N PHE D 234 29.64 -4.76 -23.87
CA PHE D 234 29.50 -3.74 -22.79
C PHE D 234 30.16 -4.19 -21.48
N SER D 235 29.87 -5.42 -21.07
CA SER D 235 30.47 -5.95 -19.85
C SER D 235 31.95 -6.33 -19.99
N GLN D 236 32.34 -6.70 -21.23
CA GLN D 236 33.72 -6.98 -21.47
C GLN D 236 34.61 -5.75 -21.55
N LYS D 237 34.12 -4.59 -21.95
CA LYS D 237 34.97 -3.45 -22.18
C LYS D 237 34.96 -2.38 -21.12
N LEU D 238 33.93 -2.38 -20.28
CA LEU D 238 33.76 -1.31 -19.33
C LEU D 238 33.89 -1.74 -17.88
N TYR D 239 34.37 -0.83 -17.05
CA TYR D 239 34.49 -1.10 -15.62
C TYR D 239 33.76 -0.06 -14.82
N TYR D 240 33.27 -0.45 -13.65
CA TYR D 240 32.69 0.50 -12.77
C TYR D 240 33.71 1.41 -12.08
N ASP D 241 34.95 0.93 -11.93
CA ASP D 241 35.94 1.58 -11.07
C ASP D 241 37.23 1.99 -11.74
N LYS D 242 37.80 3.03 -11.18
CA LYS D 242 39.10 3.61 -11.59
C LYS D 242 40.30 2.69 -11.30
N GLU D 243 40.19 1.51 -10.46
CA GLU D 243 41.19 0.44 -10.37
C GLU D 243 40.93 -0.73 -11.33
N GLN D 244 39.92 -0.58 -12.17
CA GLN D 244 39.50 -1.66 -13.07
C GLN D 244 39.27 -2.98 -12.40
N THR D 245 38.46 -3.08 -11.35
CA THR D 245 38.32 -4.39 -10.73
C THR D 245 36.93 -5.00 -10.82
N VAL D 246 35.93 -4.22 -11.18
CA VAL D 246 34.60 -4.77 -11.26
C VAL D 246 34.11 -4.38 -12.65
N SER D 247 33.95 -5.37 -13.53
CA SER D 247 33.38 -5.09 -14.85
C SER D 247 31.98 -4.48 -14.73
N MET D 248 31.65 -3.56 -15.64
CA MET D 248 30.37 -2.90 -15.51
C MET D 248 29.24 -3.76 -16.09
N LYS D 249 28.30 -4.13 -15.23
CA LYS D 249 27.11 -4.89 -15.66
C LYS D 249 26.23 -4.94 -14.44
N ASP D 250 24.98 -5.39 -14.61
CA ASP D 250 23.95 -5.33 -13.60
C ASP D 250 23.78 -3.93 -12.99
N ASN D 251 23.99 -2.90 -13.84
CA ASN D 251 23.73 -1.51 -13.44
C ASN D 251 22.18 -1.23 -13.55
N VAL D 252 21.42 -1.89 -12.69
CA VAL D 252 19.96 -2.00 -12.82
C VAL D 252 19.40 -1.73 -11.42
N ARG D 253 18.45 -0.79 -11.36
CA ARG D 253 17.72 -0.51 -10.12
C ARG D 253 16.61 -1.55 -9.97
N PRO D 254 16.42 -2.14 -8.78
CA PRO D 254 15.35 -3.10 -8.57
C PRO D 254 13.98 -2.53 -8.87
N LEU D 255 13.01 -3.40 -9.09
CA LEU D 255 11.70 -2.89 -9.51
C LEU D 255 10.93 -2.21 -8.38
N GLN D 256 10.14 -1.22 -8.74
CA GLN D 256 9.39 -0.46 -7.81
C GLN D 256 7.93 -0.76 -8.03
N GLN D 257 7.13 -0.56 -6.98
CA GLN D 257 5.67 -0.74 -7.07
C GLN D 257 4.86 0.44 -7.69
N LEU D 258 3.93 0.15 -8.56
CA LEU D 258 3.05 1.17 -9.17
C LEU D 258 2.32 2.08 -8.18
N GLY D 259 1.81 1.49 -7.11
CA GLY D 259 0.98 2.18 -6.15
C GLY D 259 -0.33 2.71 -6.76
N GLN D 260 -0.57 4.00 -6.65
CA GLN D 260 -1.81 4.59 -7.16
C GLN D 260 -1.81 4.81 -8.68
N ARG D 261 -0.74 4.44 -9.34
CA ARG D 261 -0.57 4.80 -10.70
C ARG D 261 -1.22 3.82 -11.62
N THR D 262 -1.50 4.29 -12.82
CA THR D 262 -1.78 3.37 -13.87
C THR D 262 -0.81 3.60 -15.06
N VAL D 263 -0.69 2.56 -15.90
CA VAL D 263 0.06 2.62 -17.13
C VAL D 263 -0.92 2.60 -18.27
N ILE D 264 -0.64 3.36 -19.30
CA ILE D 264 -1.52 3.45 -20.48
C ILE D 264 -0.67 3.12 -21.70
N LYS D 265 -1.32 2.93 -22.83
CA LYS D 265 -0.63 2.49 -24.01
C LYS D 265 -1.30 3.08 -25.29
N SER D 266 -0.50 3.23 -26.36
CA SER D 266 -0.99 3.78 -27.60
C SER D 266 -1.82 2.70 -28.33
ZN ZN E . 6.20 -25.61 -1.78
O14 AG4 F . 8.30 -30.69 1.74
C1 AG4 F . 8.95 -30.32 0.78
N15 AG4 F . 10.17 -29.80 0.91
C16 AG4 F . 10.81 -30.06 2.20
C17 AG4 F . 10.50 -29.02 3.25
C19 AG4 F . 10.27 -27.66 2.64
O18 AG4 F . 9.00 -27.21 3.12
C20 AG4 F . 8.60 -26.15 2.25
C6 AG4 F . 8.23 -30.39 -0.52
C7 AG4 F . 8.07 -29.22 -1.23
C5 AG4 F . 7.74 -31.64 -0.93
N4 AG4 F . 7.06 -31.65 -2.07
C3 AG4 F . 6.84 -30.52 -2.79
C2 AG4 F . 7.33 -29.28 -2.40
S8 AG4 F . 7.02 -27.98 -3.34
O12 AG4 F . 5.52 -27.96 -3.55
O11 AG4 F . 7.78 -28.17 -4.68
N9 AG4 F . 7.68 -26.67 -2.66
S10 AG4 F . 8.04 -33.07 0.03
C13 AG4 F . 7.25 -34.32 -0.79
C21 AG4 F . 7.77 -34.81 -2.01
C22 AG4 F . 7.10 -35.86 -2.66
C23 AG4 F . 5.95 -36.41 -2.10
C24 AG4 F . 5.42 -35.94 -0.88
C25 AG4 F . 6.09 -34.89 -0.24
ZN ZN G . 4.47 7.26 24.05
O14 AG4 H . 7.06 5.19 29.65
C1 AG4 H . 5.92 5.66 29.71
N15 AG4 H . 4.94 4.84 30.09
C16 AG4 H . 5.23 3.45 30.46
C17 AG4 H . 4.64 2.46 29.46
C19 AG4 H . 4.89 2.85 28.01
O18 AG4 H . 6.13 2.35 27.52
C20 AG4 H . 7.14 3.33 27.37
C6 AG4 H . 5.73 7.12 29.28
C7 AG4 H . 5.00 7.41 28.12
C5 AG4 H . 6.35 8.15 30.01
N4 AG4 H . 6.21 9.42 29.60
C3 AG4 H . 5.50 9.72 28.49
C2 AG4 H . 4.87 8.74 27.72
S8 AG4 H . 4.03 9.15 26.38
O12 AG4 H . 5.05 9.81 25.43
O11 AG4 H . 2.89 10.08 26.79
N9 AG4 H . 3.44 7.74 25.76
S10 AG4 H . 7.27 7.78 31.45
C13 AG4 H . 7.70 9.27 32.20
C21 AG4 H . 6.77 9.99 32.97
C22 AG4 H . 7.14 11.21 33.59
C23 AG4 H . 8.44 11.72 33.45
C24 AG4 H . 9.37 10.99 32.70
C25 AG4 H . 9.01 9.77 32.08
ZN ZN I . -26.59 7.68 2.76
O14 AG4 J . -31.35 3.55 0.73
C1 AG4 J . -30.19 3.18 0.74
N15 AG4 J . -29.93 2.26 1.66
C16 AG4 J . -31.02 1.96 2.61
C17 AG4 J . -30.86 2.66 3.99
C19 AG4 J . -30.72 4.21 3.95
O18 AG4 J . -32.02 4.72 3.60
C20 AG4 J . -32.09 5.87 2.78
C6 AG4 J . -29.16 3.91 -0.15
C7 AG4 J . -28.13 4.59 0.51
C5 AG4 J . -29.32 3.97 -1.56
N4 AG4 J . -28.42 4.69 -2.26
C3 AG4 J . -27.43 5.34 -1.60
C2 AG4 J . -27.22 5.33 -0.20
S8 AG4 J . -25.90 6.14 0.40
O12 AG4 J . -25.92 7.52 -0.25
O11 AG4 J . -24.69 5.47 -0.25
N9 AG4 J . -25.87 6.18 2.07
S10 AG4 J . -30.62 3.14 -2.36
C13 AG4 J . -30.58 3.55 -4.01
C21 AG4 J . -29.62 3.01 -4.86
C22 AG4 J . -29.62 3.36 -6.23
C23 AG4 J . -30.58 4.24 -6.75
C24 AG4 J . -31.55 4.77 -5.90
C25 AG4 J . -31.54 4.41 -4.55
ZN ZN K . 18.70 4.98 -17.30
O14 AG4 L . 22.55 10.18 -15.66
C1 AG4 L . 21.70 9.75 -14.87
N15 AG4 L . 22.01 9.12 -13.75
C16 AG4 L . 23.40 8.70 -13.51
C17 AG4 L . 23.77 7.22 -13.85
C19 AG4 L . 23.47 6.72 -15.28
O18 AG4 L . 24.41 7.33 -16.20
C20 AG4 L . 23.81 7.84 -17.41
C6 AG4 L . 20.27 9.82 -15.34
C7 AG4 L . 19.60 8.60 -15.44
C5 AG4 L . 19.68 11.05 -15.71
N4 AG4 L . 18.40 11.06 -16.17
C3 AG4 L . 17.72 9.90 -16.29
C2 AG4 L . 18.31 8.65 -15.94
S8 AG4 L . 17.41 7.34 -16.10
O12 AG4 L . 16.97 7.27 -17.57
O11 AG4 L . 16.22 7.58 -15.16
N9 AG4 L . 18.25 5.93 -15.71
S10 AG4 L . 20.59 12.50 -15.54
C13 AG4 L . 19.58 13.82 -15.94
C21 AG4 L . 18.70 14.36 -14.99
C22 AG4 L . 17.90 15.45 -15.31
C23 AG4 L . 17.97 16.01 -16.57
C24 AG4 L . 18.87 15.50 -17.52
C25 AG4 L . 19.69 14.41 -17.20
#